data_2ILP
#
_entry.id   2ILP
#
_cell.length_a   73.656
_cell.length_b   67.694
_cell.length_c   98.396
_cell.angle_alpha   90.00
_cell.angle_beta   106.53
_cell.angle_gamma   90.00
#
_symmetry.space_group_name_H-M   'P 1 21 1'
#
loop_
_entity.id
_entity.type
_entity.pdbx_description
1 polymer 'Botulinum neurotoxin A light-chain'
2 non-polymer 'ZINC ION'
3 non-polymer 'PHOSPHATE ION'
4 non-polymer (2E)-3-(4-CHLOROPHENYL)-N-HYDROXYACRYLAMIDE
5 water water
#
_entity_poly.entity_id   1
_entity_poly.type   'polypeptide(L)'
_entity_poly.pdbx_seq_one_letter_code
;MGSSHHHHHHSSGLVPRGSHMQFVNKQFNYKDPVNGVDIAYIKIPNVGQMQPVKAFKIHNKIWVIPERDTFTNPEEGDLN
PPPEAKQVPVSYYDSTYLSTDNEKDNYLKGVTKLFERIYSTDLGRMLLTSIVRGIPFWGGSTIDTELKVIDTNCINVIQP
DGSYRSEELNLVIIGPSADIIQFECKSFGHEVLNLTRNGYGSTQYIRFSPDFTFGFEESLEVDTNPLLGAGKFATDPAVT
LAHELIHAGHRLYGIAINPNRVFKVNTNAYYEMSGLEVSFEELRTFGGHDAKFIDSLQENEFRLYYYNKFKDIASTLNKA
KSIVGTTASLQYMKNVFKEKYLLSEDTSGKFSVDKLKFDKLYKMLTEIYTEDNFVKFFKVLNRKTYLNFDKAVFKINIVP
KVNYTIYDGFNLRNTNLAANFNGQNTEINNMNFTKLKNFTGLFE
;
_entity_poly.pdbx_strand_id   A,B
#
# COMPACT_ATOMS: atom_id res chain seq x y z
N SER A 11 8.95 -19.33 -9.26
CA SER A 11 8.82 -20.58 -8.44
C SER A 11 7.84 -20.48 -7.26
N SER A 12 7.94 -19.42 -6.44
CA SER A 12 6.89 -19.12 -5.43
C SER A 12 5.72 -18.32 -6.00
N GLY A 13 5.99 -17.53 -7.05
CA GLY A 13 4.97 -16.71 -7.71
C GLY A 13 4.46 -15.56 -6.85
N LEU A 14 5.35 -14.91 -6.12
CA LEU A 14 4.95 -13.85 -5.17
C LEU A 14 4.61 -12.52 -5.84
N VAL A 15 5.02 -12.36 -7.10
CA VAL A 15 4.86 -11.13 -7.85
C VAL A 15 4.35 -11.46 -9.27
N PRO A 16 3.08 -11.87 -9.36
CA PRO A 16 2.52 -12.17 -10.66
C PRO A 16 2.37 -10.95 -11.60
N ARG A 17 2.22 -9.74 -11.04
CA ARG A 17 2.09 -8.51 -11.82
C ARG A 17 2.94 -7.39 -11.23
N GLY A 18 3.55 -6.61 -12.10
CA GLY A 18 4.43 -5.52 -11.70
C GLY A 18 5.79 -6.04 -11.31
N SER A 19 6.58 -5.19 -10.64
CA SER A 19 7.97 -5.51 -10.27
C SER A 19 8.14 -6.06 -8.85
N HIS A 20 7.28 -5.61 -7.94
CA HIS A 20 7.41 -5.93 -6.51
C HIS A 20 6.04 -6.19 -5.85
N MET A 21 6.06 -6.88 -4.71
CA MET A 21 4.86 -7.15 -3.95
C MET A 21 4.24 -5.82 -3.54
N GLN A 22 2.92 -5.78 -3.47
CA GLN A 22 2.22 -4.50 -3.24
C GLN A 22 1.93 -4.19 -1.78
N PHE A 23 1.83 -5.21 -0.95
CA PHE A 23 1.55 -5.01 0.48
C PHE A 23 2.74 -5.38 1.35
N VAL A 24 3.27 -6.58 1.12
CA VAL A 24 4.40 -7.08 1.91
C VAL A 24 5.67 -6.37 1.42
N ASN A 25 6.42 -5.80 2.34
CA ASN A 25 7.52 -4.91 2.01
C ASN A 25 8.81 -5.55 1.50
N LYS A 26 9.09 -6.80 1.91
CA LYS A 26 10.30 -7.50 1.47
C LYS A 26 10.00 -8.96 1.23
N GLN A 27 10.76 -9.57 0.32
CA GLN A 27 10.72 -11.02 0.13
C GLN A 27 11.72 -11.64 1.10
N PHE A 28 11.26 -11.87 2.31
CA PHE A 28 12.11 -12.35 3.39
C PHE A 28 12.48 -13.83 3.26
N ASN A 29 13.70 -14.16 3.67
CA ASN A 29 14.06 -15.54 4.00
C ASN A 29 14.24 -15.62 5.51
N TYR A 30 13.83 -16.75 6.10
CA TYR A 30 14.00 -16.92 7.55
C TYR A 30 15.46 -16.68 7.99
N LYS A 31 16.42 -17.07 7.15
CA LYS A 31 17.86 -16.97 7.49
C LYS A 31 18.44 -15.56 7.39
N ASP A 32 17.71 -14.63 6.77
CA ASP A 32 18.18 -13.25 6.67
C ASP A 32 18.55 -12.76 8.07
N PRO A 33 19.71 -12.09 8.20
CA PRO A 33 20.16 -11.60 9.51
C PRO A 33 19.26 -10.55 10.13
N VAL A 34 19.21 -10.53 11.45
CA VAL A 34 18.51 -9.46 12.16
C VAL A 34 19.15 -8.11 11.84
N ASN A 35 18.30 -7.09 11.75
CA ASN A 35 18.72 -5.73 11.44
C ASN A 35 18.06 -4.69 12.34
N GLY A 36 17.10 -5.11 13.15
CA GLY A 36 16.46 -4.22 14.12
C GLY A 36 15.40 -3.30 13.54
N VAL A 37 15.17 -3.39 12.24
CA VAL A 37 14.21 -2.53 11.53
C VAL A 37 13.03 -3.36 11.08
N ASP A 38 13.30 -4.32 10.21
CA ASP A 38 12.24 -5.20 9.74
C ASP A 38 12.51 -6.69 9.93
N ILE A 39 13.68 -7.04 10.45
CA ILE A 39 13.96 -8.39 10.95
C ILE A 39 14.59 -8.18 12.31
N ALA A 40 14.05 -8.81 13.34
CA ALA A 40 14.53 -8.59 14.70
C ALA A 40 14.08 -9.69 15.64
N TYR A 41 14.90 -9.94 16.66
CA TYR A 41 14.42 -10.65 17.85
C TYR A 41 13.50 -9.70 18.60
N ILE A 42 12.34 -10.22 19.01
CA ILE A 42 11.39 -9.42 19.78
C ILE A 42 10.92 -10.16 21.02
N LYS A 43 10.47 -9.39 22.01
CA LYS A 43 9.78 -9.93 23.16
C LYS A 43 8.38 -9.32 23.23
N ILE A 44 7.40 -10.16 23.54
CA ILE A 44 6.03 -9.73 23.77
C ILE A 44 5.93 -9.31 25.24
N PRO A 45 5.49 -8.07 25.51
CA PRO A 45 5.30 -7.69 26.91
C PRO A 45 3.89 -8.07 27.38
N GLN A 49 8.20 -13.88 31.22
CA GLN A 49 9.41 -14.66 30.98
C GLN A 49 9.33 -15.39 29.63
N MET A 50 9.96 -14.82 28.60
CA MET A 50 10.15 -15.52 27.31
C MET A 50 11.54 -15.28 26.72
N GLN A 51 12.02 -16.24 25.94
CA GLN A 51 13.23 -16.06 25.15
C GLN A 51 12.83 -15.24 23.93
N PRO A 52 13.69 -14.31 23.46
CA PRO A 52 13.31 -13.54 22.26
C PRO A 52 13.06 -14.45 21.07
N VAL A 53 12.20 -14.01 20.17
CA VAL A 53 11.82 -14.79 19.02
C VAL A 53 12.07 -13.96 17.78
N LYS A 54 12.62 -14.59 16.75
CA LYS A 54 12.88 -13.90 15.52
C LYS A 54 11.56 -13.59 14.78
N ALA A 55 11.42 -12.33 14.40
CA ALA A 55 10.18 -11.81 13.81
C ALA A 55 10.50 -10.93 12.61
N PHE A 56 9.51 -10.80 11.72
CA PHE A 56 9.64 -10.10 10.44
C PHE A 56 8.52 -9.09 10.32
N LYS A 57 8.89 -7.85 10.01
CA LYS A 57 7.90 -6.79 9.81
C LYS A 57 7.46 -6.73 8.34
N ILE A 58 6.29 -7.28 8.06
CA ILE A 58 5.85 -7.39 6.66
C ILE A 58 5.23 -6.09 6.12
N HIS A 59 4.81 -5.22 7.03
CA HIS A 59 4.17 -3.94 6.65
C HIS A 59 4.16 -3.04 7.87
N ASN A 60 3.97 -1.75 7.68
CA ASN A 60 3.75 -0.84 8.82
C ASN A 60 2.69 -1.49 9.73
N LYS A 61 3.02 -1.60 11.03
CA LYS A 61 2.12 -2.06 12.07
C LYS A 61 1.81 -3.57 12.08
N ILE A 62 2.45 -4.35 11.21
CA ILE A 62 2.19 -5.80 11.13
C ILE A 62 3.48 -6.62 11.11
N TRP A 63 3.59 -7.55 12.06
CA TRP A 63 4.74 -8.41 12.22
C TRP A 63 4.29 -9.87 12.08
N VAL A 64 5.19 -10.73 11.59
CA VAL A 64 4.97 -12.16 11.54
C VAL A 64 6.03 -12.85 12.39
N ILE A 65 5.58 -13.75 13.28
CA ILE A 65 6.48 -14.55 14.12
C ILE A 65 6.31 -16.02 13.72
N PRO A 66 7.25 -16.57 12.92
CA PRO A 66 7.12 -17.99 12.53
C PRO A 66 7.46 -18.99 13.64
N GLU A 67 6.70 -18.96 14.74
CA GLU A 67 6.91 -19.84 15.87
C GLU A 67 5.57 -20.36 16.33
N ARG A 68 5.56 -21.54 16.92
CA ARG A 68 4.38 -21.98 17.63
C ARG A 68 4.13 -21.03 18.79
N ASP A 69 2.87 -20.67 19.03
CA ASP A 69 2.52 -19.73 20.09
C ASP A 69 2.48 -20.40 21.47
N THR A 70 3.65 -20.38 22.11
CA THR A 70 3.81 -20.80 23.50
C THR A 70 3.92 -19.58 24.42
N PHE A 71 3.47 -18.41 23.95
CA PHE A 71 3.80 -17.12 24.58
C PHE A 71 2.59 -16.38 25.12
N THR A 72 1.53 -16.26 24.31
CA THR A 72 0.43 -15.36 24.64
C THR A 72 -0.47 -15.81 25.78
N ASN A 73 -0.48 -17.11 26.07
CA ASN A 73 -1.30 -17.66 27.15
C ASN A 73 -0.45 -18.52 28.07
N PRO A 74 -0.33 -18.12 29.35
CA PRO A 74 0.56 -18.81 30.29
C PRO A 74 0.16 -20.27 30.53
N GLU A 75 -1.14 -20.54 30.48
CA GLU A 75 -1.65 -21.90 30.61
C GLU A 75 -1.61 -22.70 29.29
N GLU A 76 -0.93 -22.16 28.28
CA GLU A 76 -0.67 -22.87 27.04
C GLU A 76 0.82 -22.78 26.68
N GLY A 77 1.64 -23.39 27.53
CA GLY A 77 3.09 -23.34 27.38
C GLY A 77 3.71 -24.44 26.53
N ASP A 78 3.07 -25.62 26.46
CA ASP A 78 3.62 -26.76 25.71
C ASP A 78 2.69 -27.23 24.60
N LEU A 79 3.20 -28.09 23.72
CA LEU A 79 2.53 -28.41 22.44
C LEU A 79 2.01 -29.85 22.33
N ASN A 80 1.94 -30.53 23.47
CA ASN A 80 1.50 -31.92 23.49
C ASN A 80 -0.01 -31.99 23.60
N PRO A 81 -0.61 -33.05 23.01
CA PRO A 81 -2.05 -33.22 23.18
C PRO A 81 -2.45 -33.40 24.66
N PRO A 82 -3.54 -32.74 25.10
CA PRO A 82 -4.03 -32.88 26.46
C PRO A 82 -4.78 -34.19 26.66
N VAL A 88 -13.59 -28.88 20.05
CA VAL A 88 -13.87 -30.27 20.40
C VAL A 88 -14.31 -31.16 19.22
N PRO A 89 -14.86 -30.58 18.13
CA PRO A 89 -15.24 -31.47 17.04
C PRO A 89 -14.01 -31.99 16.28
N VAL A 90 -13.16 -31.07 15.83
CA VAL A 90 -11.98 -31.45 15.08
C VAL A 90 -10.76 -30.71 15.64
N SER A 91 -9.70 -31.46 15.89
CA SER A 91 -8.44 -30.89 16.37
C SER A 91 -7.29 -31.71 15.78
N TYR A 92 -6.10 -31.12 15.75
CA TYR A 92 -4.92 -31.80 15.26
C TYR A 92 -3.66 -31.40 16.02
N TYR A 93 -2.89 -32.39 16.45
CA TYR A 93 -1.66 -32.14 17.23
C TYR A 93 -0.42 -32.70 16.54
N ASP A 94 0.65 -31.92 16.58
CA ASP A 94 1.98 -32.39 16.21
C ASP A 94 2.98 -31.43 16.85
N SER A 95 3.56 -31.83 17.97
CA SER A 95 4.49 -30.99 18.71
C SER A 95 5.73 -30.57 17.92
N THR A 96 6.04 -31.31 16.84
CA THR A 96 7.22 -31.03 16.02
C THR A 96 6.97 -30.01 14.89
N TYR A 97 5.70 -29.72 14.56
CA TYR A 97 5.40 -28.78 13.49
C TYR A 97 5.97 -27.39 13.82
N LEU A 98 6.66 -26.80 12.85
CA LEU A 98 7.23 -25.44 12.94
C LEU A 98 8.40 -25.32 13.96
N SER A 99 9.21 -26.37 14.01
CA SER A 99 10.34 -26.44 14.91
C SER A 99 11.67 -26.21 14.22
N THR A 100 11.68 -26.31 12.89
CA THR A 100 12.90 -26.22 12.11
C THR A 100 12.91 -24.94 11.28
N ASP A 101 14.11 -24.48 10.94
CA ASP A 101 14.25 -23.23 10.18
C ASP A 101 13.60 -23.34 8.80
N ASN A 102 13.72 -24.50 8.13
CA ASN A 102 13.09 -24.66 6.82
C ASN A 102 11.57 -24.49 6.90
N GLU A 103 10.96 -25.04 7.94
CA GLU A 103 9.52 -24.89 8.15
C GLU A 103 9.15 -23.44 8.42
N LYS A 104 9.97 -22.77 9.21
CA LYS A 104 9.73 -21.37 9.54
C LYS A 104 9.87 -20.52 8.28
N ASP A 105 10.84 -20.83 7.43
CA ASP A 105 10.98 -20.14 6.14
C ASP A 105 9.72 -20.28 5.26
N ASN A 106 9.25 -21.52 5.11
CA ASN A 106 8.06 -21.82 4.34
C ASN A 106 6.80 -21.20 4.94
N TYR A 107 6.70 -21.18 6.25
CA TYR A 107 5.63 -20.44 6.95
C TYR A 107 5.59 -18.96 6.58
N LEU A 108 6.75 -18.32 6.66
CA LEU A 108 6.89 -16.90 6.36
C LEU A 108 6.51 -16.61 4.89
N LYS A 109 6.93 -17.48 3.99
CA LYS A 109 6.61 -17.31 2.55
C LYS A 109 5.15 -17.57 2.26
N GLY A 110 4.56 -18.52 2.99
CA GLY A 110 3.14 -18.83 2.88
C GLY A 110 2.26 -17.70 3.31
N VAL A 111 2.53 -17.16 4.49
CA VAL A 111 1.80 -16.00 5.02
C VAL A 111 1.96 -14.81 4.10
N THR A 112 3.18 -14.62 3.61
CA THR A 112 3.46 -13.51 2.68
C THR A 112 2.55 -13.62 1.44
N LYS A 113 2.53 -14.82 0.88
CA LYS A 113 1.73 -15.11 -0.31
C LYS A 113 0.24 -14.86 -0.08
N LEU A 114 -0.26 -15.29 1.07
CA LEU A 114 -1.67 -15.08 1.43
C LEU A 114 -2.02 -13.63 1.63
N PHE A 115 -1.13 -12.84 2.25
CA PHE A 115 -1.33 -11.38 2.29
C PHE A 115 -1.44 -10.79 0.87
N GLU A 116 -0.56 -11.18 -0.04
CA GLU A 116 -0.61 -10.66 -1.40
C GLU A 116 -1.89 -11.09 -2.14
N ARG A 117 -2.36 -12.30 -1.87
CA ARG A 117 -3.61 -12.80 -2.46
C ARG A 117 -4.80 -11.96 -1.95
N ILE A 118 -4.84 -11.69 -0.66
CA ILE A 118 -5.92 -10.92 -0.07
C ILE A 118 -5.88 -9.49 -0.62
N TYR A 119 -4.68 -8.91 -0.64
CA TYR A 119 -4.44 -7.57 -1.17
C TYR A 119 -4.69 -7.44 -2.70
N SER A 120 -4.68 -8.55 -3.45
CA SER A 120 -5.03 -8.54 -4.87
C SER A 120 -6.50 -8.23 -5.17
N THR A 121 -7.33 -8.26 -4.15
CA THR A 121 -8.75 -7.96 -4.26
C THR A 121 -9.05 -6.56 -3.74
N ASP A 122 -10.04 -5.89 -4.34
CA ASP A 122 -10.49 -4.57 -3.84
C ASP A 122 -10.85 -4.69 -2.37
N LEU A 123 -11.53 -5.78 -2.00
CA LEU A 123 -12.01 -5.97 -0.64
C LEU A 123 -10.85 -6.09 0.36
N GLY A 124 -9.84 -6.83 -0.02
CA GLY A 124 -8.64 -6.99 0.82
C GLY A 124 -7.85 -5.71 1.00
N ARG A 125 -7.77 -4.87 -0.04
CA ARG A 125 -7.09 -3.57 0.09
C ARG A 125 -7.81 -2.69 1.10
N MET A 126 -9.14 -2.64 1.02
CA MET A 126 -9.93 -1.93 1.99
C MET A 126 -9.68 -2.46 3.41
N LEU A 127 -9.82 -3.77 3.60
CA LEU A 127 -9.66 -4.36 4.92
C LEU A 127 -8.26 -4.12 5.52
N LEU A 128 -7.24 -4.35 4.73
CA LEU A 128 -5.87 -4.27 5.25
C LEU A 128 -5.52 -2.82 5.58
N THR A 129 -6.02 -1.91 4.76
CA THR A 129 -5.88 -0.45 5.03
C THR A 129 -6.52 -0.07 6.37
N SER A 130 -7.77 -0.53 6.59
CA SER A 130 -8.46 -0.31 7.86
C SER A 130 -7.68 -0.84 9.04
N ILE A 131 -7.12 -2.03 8.90
CA ILE A 131 -6.27 -2.62 9.96
C ILE A 131 -5.03 -1.78 10.27
N VAL A 132 -4.30 -1.38 9.24
CA VAL A 132 -3.09 -0.58 9.40
C VAL A 132 -3.42 0.77 10.05
N ARG A 133 -4.56 1.37 9.71
CA ARG A 133 -4.95 2.66 10.30
C ARG A 133 -5.55 2.55 11.72
N GLY A 134 -5.83 1.32 12.15
CA GLY A 134 -6.61 1.09 13.36
C GLY A 134 -5.76 1.03 14.62
N ILE A 135 -4.88 2.00 14.80
CA ILE A 135 -3.97 2.02 15.96
C ILE A 135 -4.73 1.95 17.29
N PRO A 136 -4.37 1.00 18.15
CA PRO A 136 -4.98 0.96 19.47
C PRO A 136 -4.88 2.29 20.24
N PHE A 137 -5.98 2.69 20.88
CA PHE A 137 -6.09 3.96 21.56
C PHE A 137 -5.10 4.13 22.74
N TRP A 138 -4.61 5.35 22.88
CA TRP A 138 -3.76 5.72 24.03
C TRP A 138 -4.63 6.01 25.24
N GLY A 139 -5.19 4.95 25.81
CA GLY A 139 -6.11 5.07 26.97
C GLY A 139 -5.53 4.50 28.25
N GLY A 140 -4.19 4.50 28.34
CA GLY A 140 -3.49 3.79 29.41
C GLY A 140 -3.20 4.55 30.69
N SER A 141 -3.54 5.84 30.74
CA SER A 141 -3.26 6.62 31.95
C SER A 141 -4.34 6.49 33.00
N THR A 142 -3.91 6.52 34.26
CA THR A 142 -4.82 6.62 35.39
C THR A 142 -5.23 8.08 35.56
N ILE A 143 -4.44 9.00 34.97
CA ILE A 143 -4.76 10.43 34.98
C ILE A 143 -5.71 10.76 33.82
N ASP A 144 -6.85 11.34 34.19
CA ASP A 144 -8.01 11.56 33.32
C ASP A 144 -7.76 12.52 32.16
N THR A 145 -6.70 13.33 32.25
CA THR A 145 -6.36 14.34 31.27
C THR A 145 -5.07 14.02 30.52
N GLU A 146 -4.55 12.81 30.72
CA GLU A 146 -3.24 12.43 30.18
C GLU A 146 -3.43 11.33 29.15
N LEU A 147 -2.80 11.50 27.99
CA LEU A 147 -2.79 10.41 27.00
C LEU A 147 -1.53 9.58 27.23
N LYS A 148 -1.70 8.26 27.22
CA LYS A 148 -0.61 7.34 27.47
C LYS A 148 -0.86 6.03 26.73
N VAL A 149 0.19 5.44 26.21
CA VAL A 149 0.11 4.17 25.53
C VAL A 149 -0.30 3.06 26.52
N ILE A 150 -0.96 2.01 26.01
CA ILE A 150 -1.16 0.80 26.82
C ILE A 150 -0.05 -0.19 26.43
N ASP A 151 0.70 -0.64 27.43
CA ASP A 151 1.97 -1.33 27.18
C ASP A 151 1.81 -2.64 26.45
N THR A 152 0.64 -3.25 26.57
CA THR A 152 0.41 -4.53 25.94
C THR A 152 0.03 -4.37 24.45
N ASN A 153 0.01 -3.13 23.95
CA ASN A 153 -0.17 -2.84 22.53
C ASN A 153 1.17 -2.55 21.82
N CYS A 154 2.26 -3.04 22.43
CA CYS A 154 3.60 -2.85 21.92
C CYS A 154 4.39 -4.16 21.95
N ILE A 155 5.53 -4.18 21.26
CA ILE A 155 6.52 -5.22 21.41
C ILE A 155 7.86 -4.54 21.65
N ASN A 156 8.78 -5.26 22.26
CA ASN A 156 10.15 -4.79 22.36
C ASN A 156 10.98 -5.38 21.21
N VAL A 157 11.56 -4.48 20.41
CA VAL A 157 12.32 -4.79 19.18
C VAL A 157 13.80 -4.66 19.49
N ILE A 158 14.47 -5.79 19.57
CA ILE A 158 15.88 -5.83 19.91
C ILE A 158 16.70 -5.52 18.67
N GLN A 159 17.73 -4.70 18.86
CA GLN A 159 18.63 -4.33 17.79
C GLN A 159 19.80 -5.32 17.72
N PRO A 160 20.49 -5.36 16.57
CA PRO A 160 21.67 -6.22 16.43
C PRO A 160 22.71 -6.10 17.55
N ASP A 161 22.88 -4.90 18.13
CA ASP A 161 23.80 -4.73 19.23
C ASP A 161 23.23 -5.05 20.62
N GLY A 162 21.99 -5.52 20.68
CA GLY A 162 21.38 -5.95 21.93
C GLY A 162 20.48 -4.92 22.61
N SER A 163 20.59 -3.66 22.19
CA SER A 163 19.72 -2.63 22.73
C SER A 163 18.31 -2.85 22.20
N TYR A 164 17.34 -2.19 22.79
CA TYR A 164 15.96 -2.40 22.36
C TYR A 164 15.14 -1.15 22.45
N ARG A 165 14.04 -1.15 21.70
CA ARG A 165 13.09 -0.04 21.73
C ARG A 165 11.69 -0.63 21.75
N SER A 166 10.78 0.04 22.45
CA SER A 166 9.36 -0.32 22.38
C SER A 166 8.77 0.17 21.07
N GLU A 167 7.99 -0.67 20.39
CA GLU A 167 7.36 -0.30 19.14
C GLU A 167 5.87 -0.65 19.21
N GLU A 168 5.02 0.34 18.96
CA GLU A 168 3.61 0.09 18.81
C GLU A 168 3.31 -0.69 17.53
N LEU A 169 2.36 -1.62 17.60
CA LEU A 169 1.91 -2.36 16.43
C LEU A 169 0.43 -2.76 16.57
N ASN A 170 -0.17 -3.13 15.44
CA ASN A 170 -1.59 -3.46 15.37
C ASN A 170 -1.88 -4.96 15.32
N LEU A 171 -0.96 -5.69 14.70
CA LEU A 171 -1.22 -7.07 14.32
C LEU A 171 0.07 -7.88 14.28
N VAL A 172 -0.06 -9.09 14.81
CA VAL A 172 0.97 -10.12 14.79
C VAL A 172 0.34 -11.40 14.27
N ILE A 173 0.98 -11.99 13.27
CA ILE A 173 0.62 -13.34 12.82
C ILE A 173 1.65 -14.30 13.43
N ILE A 174 1.15 -15.29 14.16
CA ILE A 174 1.99 -16.27 14.84
C ILE A 174 1.46 -17.68 14.57
N GLY A 175 2.34 -18.67 14.71
CA GLY A 175 1.95 -20.07 14.51
C GLY A 175 0.98 -20.53 15.57
N PRO A 176 0.29 -21.67 15.34
CA PRO A 176 -0.66 -22.15 16.35
C PRO A 176 0.00 -22.60 17.65
N SER A 177 -0.82 -22.75 18.69
CA SER A 177 -0.43 -23.37 19.94
C SER A 177 -0.59 -24.90 19.78
N ALA A 178 -0.92 -25.64 20.84
CA ALA A 178 -0.96 -27.11 20.75
C ALA A 178 -1.85 -27.63 19.62
N ASP A 179 -3.09 -27.16 19.58
CA ASP A 179 -4.03 -27.54 18.52
C ASP A 179 -3.72 -26.73 17.25
N ILE A 180 -3.20 -27.44 16.26
CA ILE A 180 -2.70 -26.80 15.05
C ILE A 180 -3.76 -26.13 14.20
N ILE A 181 -4.99 -26.67 14.19
CA ILE A 181 -6.08 -26.08 13.37
C ILE A 181 -7.04 -25.15 14.14
N GLN A 182 -6.66 -24.78 15.36
CA GLN A 182 -7.38 -23.84 16.19
C GLN A 182 -6.91 -22.41 15.84
N PHE A 183 -7.40 -21.88 14.74
CA PHE A 183 -7.03 -20.53 14.32
C PHE A 183 -7.90 -19.55 15.08
N GLU A 184 -7.31 -18.45 15.53
CA GLU A 184 -8.05 -17.50 16.32
C GLU A 184 -7.36 -16.15 16.34
N CYS A 185 -8.15 -15.13 16.65
CA CYS A 185 -7.67 -13.79 16.83
C CYS A 185 -7.83 -13.47 18.30
N LYS A 186 -6.71 -13.30 18.99
CA LYS A 186 -6.62 -13.09 20.44
C LYS A 186 -5.92 -11.77 20.72
N SER A 187 -6.04 -11.29 21.95
CA SER A 187 -5.30 -10.10 22.37
C SER A 187 -5.12 -10.04 23.88
N PHE A 188 -4.23 -9.16 24.34
CA PHE A 188 -4.03 -8.96 25.76
C PHE A 188 -5.08 -8.05 26.36
N GLY A 189 -5.67 -8.51 27.46
CA GLY A 189 -6.70 -7.75 28.16
C GLY A 189 -6.13 -6.65 29.06
N HIS A 190 -7.01 -5.80 29.55
CA HIS A 190 -6.66 -4.78 30.53
C HIS A 190 -7.38 -5.13 31.82
N GLU A 191 -6.82 -4.70 32.96
CA GLU A 191 -7.39 -5.03 34.27
C GLU A 191 -8.81 -4.45 34.45
N VAL A 192 -9.06 -3.27 33.89
CA VAL A 192 -10.37 -2.63 33.99
C VAL A 192 -11.06 -2.41 32.65
N LEU A 193 -10.29 -2.06 31.61
CA LEU A 193 -10.85 -1.72 30.30
C LEU A 193 -11.16 -2.96 29.48
N ASN A 194 -12.29 -2.94 28.77
CA ASN A 194 -12.62 -3.99 27.80
C ASN A 194 -12.22 -3.48 26.44
N LEU A 195 -10.95 -3.66 26.08
CA LEU A 195 -10.33 -2.97 24.93
C LEU A 195 -10.93 -3.35 23.58
N THR A 196 -11.42 -4.58 23.45
CA THR A 196 -12.02 -5.00 22.18
C THR A 196 -13.50 -4.63 22.04
N ARG A 197 -14.07 -4.03 23.08
N ARG A 197 -14.08 -4.03 23.07
CA ARG A 197 -15.51 -3.72 23.11
CA ARG A 197 -15.51 -3.71 23.07
C ARG A 197 -15.83 -2.32 23.66
C ARG A 197 -15.81 -2.34 23.70
N ASN A 198 -14.82 -1.46 23.77
CA ASN A 198 -15.04 -0.08 24.25
C ASN A 198 -14.56 0.97 23.24
N GLY A 199 -14.38 0.56 21.98
CA GLY A 199 -13.85 1.43 20.93
C GLY A 199 -12.33 1.64 20.90
N TYR A 200 -11.63 1.31 21.98
CA TYR A 200 -10.18 1.57 22.07
C TYR A 200 -9.39 0.72 21.13
N GLY A 201 -9.62 -0.59 21.17
CA GLY A 201 -8.83 -1.50 20.39
C GLY A 201 -7.54 -1.92 21.10
N SER A 202 -6.92 -2.95 20.55
CA SER A 202 -5.73 -3.53 21.16
C SER A 202 -5.01 -4.34 20.11
N THR A 203 -3.72 -4.52 20.29
CA THR A 203 -2.90 -5.30 19.37
C THR A 203 -3.41 -6.75 19.26
N GLN A 204 -3.64 -7.18 18.02
CA GLN A 204 -4.25 -8.48 17.75
C GLN A 204 -3.21 -9.51 17.33
N TYR A 205 -3.33 -10.71 17.91
CA TYR A 205 -2.45 -11.82 17.63
C TYR A 205 -3.29 -12.90 16.97
N ILE A 206 -3.00 -13.17 15.71
CA ILE A 206 -3.68 -14.23 14.98
C ILE A 206 -2.85 -15.51 14.95
N ARG A 207 -3.37 -16.56 15.59
CA ARG A 207 -2.75 -17.90 15.51
C ARG A 207 -3.24 -18.49 14.21
N PHE A 208 -2.30 -18.74 13.29
CA PHE A 208 -2.66 -19.19 11.95
C PHE A 208 -1.53 -20.02 11.36
N SER A 209 -1.89 -21.05 10.60
CA SER A 209 -0.93 -21.78 9.80
C SER A 209 -1.39 -21.83 8.34
N PRO A 210 -0.51 -21.46 7.41
CA PRO A 210 -0.76 -21.69 5.99
C PRO A 210 -0.42 -23.13 5.53
N ASP A 211 0.00 -23.99 6.45
CA ASP A 211 0.54 -25.32 6.12
C ASP A 211 -0.51 -26.44 6.26
N PHE A 212 -1.67 -26.07 6.79
CA PHE A 212 -2.80 -26.98 6.95
C PHE A 212 -4.08 -26.32 6.51
N THR A 213 -5.07 -27.14 6.16
CA THR A 213 -6.42 -26.62 6.01
C THR A 213 -7.43 -27.72 6.38
N PHE A 214 -8.70 -27.36 6.35
CA PHE A 214 -9.76 -28.24 6.77
C PHE A 214 -10.76 -28.43 5.63
N GLY A 215 -11.55 -29.47 5.77
CA GLY A 215 -12.47 -29.90 4.71
C GLY A 215 -13.91 -29.51 4.92
N PHE A 216 -14.66 -29.60 3.82
CA PHE A 216 -16.09 -29.46 3.86
C PHE A 216 -16.63 -30.25 2.67
N GLU A 217 -17.88 -30.66 2.79
CA GLU A 217 -18.54 -31.41 1.72
C GLU A 217 -19.47 -30.50 0.96
N GLU A 218 -19.48 -30.66 -0.35
CA GLU A 218 -20.42 -29.93 -1.18
C GLU A 218 -20.86 -30.80 -2.34
N SER A 219 -22.12 -30.65 -2.75
CA SER A 219 -22.66 -31.32 -3.92
C SER A 219 -22.76 -30.31 -5.06
N LEU A 220 -22.03 -30.55 -6.15
CA LEU A 220 -22.12 -29.73 -7.37
C LEU A 220 -23.05 -30.38 -8.40
N GLU A 221 -23.84 -29.55 -9.10
CA GLU A 221 -24.82 -30.06 -10.08
C GLU A 221 -24.25 -30.30 -11.47
N VAL A 222 -24.72 -31.36 -12.14
CA VAL A 222 -24.58 -31.49 -13.60
C VAL A 222 -25.48 -32.60 -14.18
N ASN A 225 -21.86 -35.50 -14.41
CA ASN A 225 -22.60 -36.75 -14.30
C ASN A 225 -23.70 -36.65 -13.24
N PRO A 226 -24.86 -37.29 -13.50
CA PRO A 226 -25.85 -37.40 -12.42
C PRO A 226 -25.36 -38.19 -11.20
N LEU A 227 -24.42 -39.12 -11.42
CA LEU A 227 -23.93 -40.02 -10.37
C LEU A 227 -22.85 -39.38 -9.48
N LEU A 228 -22.71 -38.06 -9.56
CA LEU A 228 -21.59 -37.37 -8.92
C LEU A 228 -21.62 -37.47 -7.39
N GLY A 229 -22.77 -37.20 -6.79
CA GLY A 229 -22.88 -37.11 -5.32
C GLY A 229 -22.03 -35.99 -4.74
N ALA A 230 -21.80 -36.02 -3.44
CA ALA A 230 -21.08 -34.96 -2.75
C ALA A 230 -19.56 -35.12 -2.91
N GLY A 231 -18.88 -34.02 -3.19
CA GLY A 231 -17.43 -33.98 -3.23
C GLY A 231 -16.83 -33.55 -1.90
N LYS A 232 -15.56 -33.85 -1.72
CA LYS A 232 -14.84 -33.52 -0.50
C LYS A 232 -13.83 -32.43 -0.86
N PHE A 233 -14.08 -31.23 -0.37
CA PHE A 233 -13.32 -30.05 -0.75
C PHE A 233 -12.47 -29.54 0.40
N ALA A 234 -11.48 -28.72 0.07
CA ALA A 234 -10.59 -28.13 1.05
C ALA A 234 -10.88 -26.62 1.08
N THR A 235 -10.88 -26.04 2.28
CA THR A 235 -11.03 -24.60 2.44
C THR A 235 -9.76 -23.90 1.92
N ASP A 236 -9.94 -22.79 1.19
CA ASP A 236 -8.81 -22.03 0.69
C ASP A 236 -8.24 -21.25 1.89
N PRO A 237 -6.95 -21.45 2.21
CA PRO A 237 -6.39 -20.77 3.38
C PRO A 237 -6.38 -19.25 3.29
N ALA A 238 -6.52 -18.67 2.10
CA ALA A 238 -6.67 -17.19 2.00
C ALA A 238 -8.01 -16.73 2.60
N VAL A 239 -9.03 -17.57 2.50
CA VAL A 239 -10.35 -17.29 3.08
C VAL A 239 -10.24 -17.38 4.63
N THR A 240 -9.59 -18.42 5.12
CA THR A 240 -9.35 -18.58 6.55
C THR A 240 -8.57 -17.38 7.16
N LEU A 241 -7.52 -16.95 6.48
CA LEU A 241 -6.72 -15.84 6.97
C LEU A 241 -7.56 -14.55 6.93
N ALA A 242 -8.32 -14.34 5.84
CA ALA A 242 -9.19 -13.17 5.75
C ALA A 242 -10.24 -13.15 6.88
N HIS A 243 -10.81 -14.31 7.21
CA HIS A 243 -11.73 -14.45 8.34
C HIS A 243 -11.10 -13.92 9.65
N GLU A 244 -9.88 -14.37 9.96
CA GLU A 244 -9.24 -13.92 11.20
C GLU A 244 -8.90 -12.42 11.13
N LEU A 245 -8.53 -11.94 9.94
CA LEU A 245 -8.25 -10.51 9.69
C LEU A 245 -9.50 -9.64 9.93
N ILE A 246 -10.67 -10.19 9.59
CA ILE A 246 -11.94 -9.49 9.85
C ILE A 246 -12.19 -9.36 11.36
N HIS A 247 -11.97 -10.41 12.14
CA HIS A 247 -12.06 -10.31 13.60
C HIS A 247 -11.10 -9.24 14.09
N ALA A 248 -9.91 -9.18 13.47
CA ALA A 248 -8.86 -8.27 13.90
C ALA A 248 -9.34 -6.86 13.67
N GLY A 249 -10.00 -6.62 12.53
CA GLY A 249 -10.63 -5.33 12.26
C GLY A 249 -11.65 -4.92 13.29
N HIS A 250 -12.56 -5.83 13.67
CA HIS A 250 -13.56 -5.53 14.69
C HIS A 250 -12.90 -5.16 16.03
N ARG A 251 -11.84 -5.91 16.35
CA ARG A 251 -11.19 -5.80 17.65
C ARG A 251 -10.23 -4.60 17.73
N LEU A 252 -9.62 -4.23 16.62
CA LEU A 252 -8.75 -3.03 16.55
C LEU A 252 -9.52 -1.72 16.70
N TYR A 253 -10.79 -1.73 16.25
CA TYR A 253 -11.70 -0.59 16.42
C TYR A 253 -12.61 -0.73 17.64
N GLY A 254 -12.41 -1.79 18.42
CA GLY A 254 -13.05 -1.99 19.71
C GLY A 254 -14.54 -2.17 19.62
N ILE A 255 -14.99 -2.82 18.55
CA ILE A 255 -16.41 -3.02 18.31
C ILE A 255 -16.79 -4.51 18.20
N ALA A 256 -15.99 -5.38 18.83
CA ALA A 256 -16.29 -6.82 18.86
C ALA A 256 -17.56 -7.08 19.62
N ILE A 257 -18.33 -8.08 19.19
CA ILE A 257 -19.48 -8.51 19.97
C ILE A 257 -19.02 -9.43 21.08
N ASN A 258 -19.48 -9.13 22.30
CA ASN A 258 -19.27 -9.95 23.49
C ASN A 258 -19.48 -11.44 23.18
N PRO A 259 -18.44 -12.27 23.37
CA PRO A 259 -18.52 -13.68 22.99
C PRO A 259 -19.52 -14.50 23.81
N ASN A 260 -20.09 -13.91 24.86
CA ASN A 260 -21.21 -14.53 25.57
C ASN A 260 -22.54 -14.42 24.83
N ARG A 261 -22.56 -13.66 23.72
CA ARG A 261 -23.74 -13.59 22.85
C ARG A 261 -23.63 -14.71 21.81
N VAL A 262 -24.48 -15.73 21.98
CA VAL A 262 -24.38 -16.95 21.20
C VAL A 262 -25.76 -17.49 20.90
N PHE A 263 -25.84 -18.29 19.84
CA PHE A 263 -26.92 -19.25 19.62
C PHE A 263 -26.44 -20.59 20.14
N LYS A 264 -27.32 -21.35 20.79
CA LYS A 264 -26.99 -22.71 21.21
C LYS A 264 -28.27 -23.49 21.53
N GLU A 277 -23.63 -24.67 19.18
CA GLU A 277 -23.27 -23.30 19.57
C GLU A 277 -22.48 -22.48 18.54
N VAL A 278 -22.87 -21.23 18.35
CA VAL A 278 -22.13 -20.31 17.46
C VAL A 278 -22.35 -18.88 17.96
N SER A 279 -21.27 -18.13 18.11
CA SER A 279 -21.36 -16.78 18.64
C SER A 279 -21.83 -15.80 17.54
N PHE A 280 -22.47 -14.72 17.99
CA PHE A 280 -22.87 -13.64 17.09
C PHE A 280 -21.65 -13.10 16.33
N GLU A 281 -20.52 -12.98 17.03
CA GLU A 281 -19.28 -12.49 16.41
C GLU A 281 -18.84 -13.39 15.25
N GLU A 282 -19.04 -14.70 15.37
CA GLU A 282 -18.66 -15.62 14.30
C GLU A 282 -19.61 -15.50 13.13
N LEU A 283 -20.91 -15.40 13.41
CA LEU A 283 -21.92 -15.26 12.35
C LEU A 283 -21.70 -13.95 11.61
N ARG A 284 -21.40 -12.89 12.34
CA ARG A 284 -21.13 -11.58 11.74
C ARG A 284 -19.92 -11.65 10.81
N THR A 285 -18.85 -12.28 11.27
CA THR A 285 -17.62 -12.40 10.51
C THR A 285 -17.74 -13.31 9.27
N PHE A 286 -18.55 -14.36 9.39
CA PHE A 286 -18.81 -15.28 8.27
C PHE A 286 -19.63 -14.56 7.22
N GLY A 287 -20.61 -13.79 7.68
CA GLY A 287 -21.39 -12.93 6.82
C GLY A 287 -22.37 -13.72 6.01
N GLY A 288 -22.76 -13.18 4.87
CA GLY A 288 -23.77 -13.80 4.05
C GLY A 288 -25.06 -13.96 4.78
N HIS A 289 -25.74 -15.08 4.56
CA HIS A 289 -27.00 -15.31 5.21
C HIS A 289 -26.88 -15.62 6.71
N ASP A 290 -25.74 -16.13 7.15
CA ASP A 290 -25.50 -16.38 8.59
C ASP A 290 -25.70 -15.13 9.45
N ALA A 291 -25.19 -14.02 8.98
CA ALA A 291 -25.30 -12.75 9.70
C ALA A 291 -26.75 -12.25 9.76
N LYS A 292 -27.61 -12.71 8.84
CA LYS A 292 -29.03 -12.31 8.89
C LYS A 292 -29.77 -12.93 10.06
N PHE A 293 -29.18 -13.94 10.71
CA PHE A 293 -29.80 -14.48 11.93
C PHE A 293 -29.63 -13.57 13.15
N ILE A 294 -28.69 -12.63 13.10
CA ILE A 294 -28.63 -11.57 14.11
C ILE A 294 -29.78 -10.56 13.80
N ASP A 295 -30.80 -10.49 14.62
CA ASP A 295 -31.98 -9.64 14.25
C ASP A 295 -31.62 -8.14 14.26
N SER A 296 -32.29 -7.39 13.38
CA SER A 296 -32.01 -5.96 13.17
C SER A 296 -32.05 -5.14 14.45
N LEU A 297 -32.96 -5.49 15.37
CA LEU A 297 -33.10 -4.75 16.64
C LEU A 297 -31.88 -4.92 17.52
N GLN A 298 -31.36 -6.14 17.55
CA GLN A 298 -30.08 -6.43 18.20
C GLN A 298 -28.92 -5.66 17.56
N GLU A 299 -28.88 -5.65 16.23
CA GLU A 299 -27.85 -4.92 15.47
C GLU A 299 -27.87 -3.42 15.82
N ASN A 300 -29.08 -2.84 15.82
CA ASN A 300 -29.24 -1.43 16.18
C ASN A 300 -28.75 -1.10 17.59
N GLU A 301 -29.02 -2.00 18.53
CA GLU A 301 -28.59 -1.84 19.91
C GLU A 301 -27.08 -1.83 19.99
N PHE A 302 -26.41 -2.76 19.29
CA PHE A 302 -24.95 -2.79 19.27
C PHE A 302 -24.37 -1.51 18.66
N ARG A 303 -24.90 -1.12 17.51
CA ARG A 303 -24.41 0.06 16.78
C ARG A 303 -24.49 1.31 17.65
N LEU A 304 -25.61 1.48 18.34
CA LEU A 304 -25.78 2.63 19.24
C LEU A 304 -24.78 2.54 20.40
N TYR A 305 -24.61 1.32 20.93
CA TYR A 305 -23.67 1.10 22.01
C TYR A 305 -22.27 1.59 21.62
N TYR A 306 -21.84 1.23 20.41
CA TYR A 306 -20.50 1.59 19.93
C TYR A 306 -20.38 3.04 19.47
N TYR A 307 -21.48 3.60 18.98
CA TYR A 307 -21.56 5.05 18.70
C TYR A 307 -21.25 5.85 19.96
N ASN A 308 -21.92 5.47 21.05
CA ASN A 308 -21.68 6.05 22.36
C ASN A 308 -20.25 5.85 22.87
N LYS A 309 -19.66 4.67 22.65
CA LYS A 309 -18.25 4.45 23.01
C LYS A 309 -17.28 5.37 22.23
N PHE A 310 -17.55 5.56 20.93
CA PHE A 310 -16.79 6.49 20.11
C PHE A 310 -16.96 7.96 20.57
N LYS A 311 -18.15 8.34 21.03
CA LYS A 311 -18.35 9.70 21.58
C LYS A 311 -17.52 9.88 22.87
N ASP A 312 -17.38 8.81 23.65
CA ASP A 312 -16.57 8.83 24.88
C ASP A 312 -15.09 9.03 24.53
N ILE A 313 -14.61 8.41 23.46
CA ILE A 313 -13.24 8.63 22.98
C ILE A 313 -13.02 10.08 22.52
N ALA A 314 -14.00 10.61 21.79
CA ALA A 314 -13.96 12.00 21.35
C ALA A 314 -13.88 12.95 22.58
N SER A 315 -14.69 12.72 23.61
CA SER A 315 -14.60 13.60 24.80
C SER A 315 -13.33 13.39 25.61
N THR A 316 -12.81 12.17 25.66
CA THR A 316 -11.49 11.90 26.27
C THR A 316 -10.39 12.70 25.57
N LEU A 317 -10.39 12.68 24.23
CA LEU A 317 -9.43 13.48 23.45
C LEU A 317 -9.60 14.99 23.67
N ASN A 318 -10.85 15.44 23.76
CA ASN A 318 -11.16 16.84 24.09
C ASN A 318 -10.70 17.27 25.47
N LYS A 319 -10.81 16.37 26.45
CA LYS A 319 -10.39 16.64 27.82
C LYS A 319 -8.87 16.50 28.07
N ALA A 320 -8.15 15.89 27.12
CA ALA A 320 -6.70 15.63 27.26
C ALA A 320 -5.90 16.93 27.34
N LYS A 321 -5.04 17.02 28.36
CA LYS A 321 -4.21 18.19 28.59
C LYS A 321 -2.72 17.90 28.47
N SER A 322 -2.32 16.64 28.55
CA SER A 322 -0.91 16.28 28.51
C SER A 322 -0.74 14.89 27.91
N ILE A 323 0.51 14.58 27.57
CA ILE A 323 0.86 13.29 26.97
C ILE A 323 2.18 12.84 27.57
N VAL A 324 2.33 11.52 27.72
CA VAL A 324 3.57 10.95 28.25
C VAL A 324 4.16 9.88 27.35
N GLY A 325 5.48 9.69 27.44
CA GLY A 325 6.18 8.58 26.77
C GLY A 325 6.34 8.70 25.27
N THR A 326 6.44 9.93 24.78
CA THR A 326 6.67 10.19 23.35
C THR A 326 7.18 11.61 23.20
N THR A 327 8.00 11.85 22.19
CA THR A 327 8.38 13.22 21.84
C THR A 327 7.34 13.87 20.93
N ALA A 328 6.38 13.08 20.41
CA ALA A 328 5.24 13.61 19.67
C ALA A 328 4.35 14.53 20.51
N SER A 329 3.87 15.60 19.91
CA SER A 329 3.00 16.52 20.60
C SER A 329 1.66 15.85 20.94
N LEU A 330 0.97 16.41 21.93
CA LEU A 330 -0.41 16.07 22.21
C LEU A 330 -1.26 16.28 20.95
N GLN A 331 -1.05 17.41 20.27
CA GLN A 331 -1.81 17.73 19.04
C GLN A 331 -1.67 16.63 18.02
N TYR A 332 -0.43 16.17 17.85
CA TYR A 332 -0.11 15.13 16.89
C TYR A 332 -0.84 13.82 17.18
N MET A 333 -0.80 13.39 18.44
CA MET A 333 -1.44 12.12 18.83
C MET A 333 -2.96 12.20 18.75
N LYS A 334 -3.53 13.29 19.24
CA LYS A 334 -4.96 13.56 19.09
C LYS A 334 -5.39 13.40 17.61
N ASN A 335 -4.58 13.94 16.71
CA ASN A 335 -4.82 13.80 15.28
C ASN A 335 -4.74 12.38 14.74
N VAL A 336 -3.78 11.60 15.24
CA VAL A 336 -3.69 10.18 14.88
C VAL A 336 -5.05 9.49 15.13
N PHE A 337 -5.70 9.82 16.23
CA PHE A 337 -6.97 9.18 16.58
C PHE A 337 -8.19 9.83 15.92
N LYS A 338 -8.12 11.12 15.67
CA LYS A 338 -9.09 11.76 14.78
C LYS A 338 -9.15 10.98 13.46
N GLU A 339 -7.97 10.70 12.92
CA GLU A 339 -7.83 9.99 11.65
C GLU A 339 -8.36 8.53 11.72
N LYS A 340 -8.00 7.80 12.78
CA LYS A 340 -8.50 6.44 12.96
C LYS A 340 -10.02 6.39 12.99
N TYR A 341 -10.62 7.24 13.80
CA TYR A 341 -12.05 7.14 14.10
C TYR A 341 -12.92 8.00 13.19
N LEU A 342 -12.31 8.66 12.19
CA LEU A 342 -13.02 9.60 11.29
C LEU A 342 -13.75 10.70 12.03
N LEU A 343 -13.08 11.29 13.04
CA LEU A 343 -13.72 12.33 13.83
C LEU A 343 -13.74 13.67 13.12
N SER A 344 -14.79 14.43 13.41
CA SER A 344 -14.91 15.80 12.94
C SER A 344 -14.21 16.72 13.94
N GLU A 345 -13.58 17.78 13.43
CA GLU A 345 -12.91 18.77 14.28
C GLU A 345 -13.47 20.15 13.92
N ASP A 346 -13.96 20.89 14.91
CA ASP A 346 -14.46 22.26 14.65
C ASP A 346 -13.31 23.27 14.70
N THR A 347 -13.63 24.55 14.45
CA THR A 347 -12.61 25.59 14.44
C THR A 347 -11.89 25.74 15.78
N SER A 348 -12.61 25.48 16.87
CA SER A 348 -12.02 25.50 18.21
C SER A 348 -11.07 24.32 18.47
N GLY A 349 -11.12 23.29 17.63
CA GLY A 349 -10.26 22.12 17.76
C GLY A 349 -10.93 20.98 18.51
N LYS A 350 -12.22 21.16 18.82
CA LYS A 350 -13.00 20.17 19.53
C LYS A 350 -13.38 19.04 18.57
N PHE A 351 -13.22 17.81 19.02
CA PHE A 351 -13.58 16.63 18.25
C PHE A 351 -15.03 16.23 18.52
N SER A 352 -15.67 15.62 17.54
CA SER A 352 -16.97 15.01 17.76
C SER A 352 -17.18 13.89 16.74
N VAL A 353 -18.04 12.94 17.09
CA VAL A 353 -18.36 11.84 16.18
C VAL A 353 -19.38 12.34 15.17
N ASP A 354 -19.14 12.11 13.88
CA ASP A 354 -20.13 12.43 12.83
C ASP A 354 -20.95 11.16 12.60
N LYS A 355 -22.27 11.26 12.69
CA LYS A 355 -23.12 10.06 12.59
C LYS A 355 -22.98 9.34 11.25
N LEU A 356 -22.90 10.10 10.16
CA LEU A 356 -22.72 9.48 8.84
C LEU A 356 -21.35 8.78 8.68
N LYS A 357 -20.29 9.38 9.20
CA LYS A 357 -18.96 8.78 9.12
C LYS A 357 -18.86 7.58 10.04
N PHE A 358 -19.50 7.65 11.20
CA PHE A 358 -19.57 6.49 12.10
C PHE A 358 -20.27 5.33 11.40
N ASP A 359 -21.45 5.59 10.87
CA ASP A 359 -22.21 4.55 10.17
C ASP A 359 -21.41 3.91 9.03
N LYS A 360 -20.69 4.73 8.27
CA LYS A 360 -19.83 4.24 7.19
C LYS A 360 -18.73 3.30 7.69
N LEU A 361 -17.99 3.76 8.70
CA LEU A 361 -16.90 2.97 9.29
C LEU A 361 -17.45 1.67 9.90
N TYR A 362 -18.55 1.79 10.63
CA TYR A 362 -19.13 0.65 11.33
C TYR A 362 -19.64 -0.41 10.34
N LYS A 363 -20.37 0.04 9.33
CA LYS A 363 -20.82 -0.85 8.25
C LYS A 363 -19.68 -1.51 7.48
N MET A 364 -18.63 -0.75 7.19
CA MET A 364 -17.46 -1.30 6.52
C MET A 364 -16.90 -2.49 7.29
N LEU A 365 -16.64 -2.27 8.58
CA LEU A 365 -16.00 -3.25 9.44
C LEU A 365 -16.85 -4.50 9.70
N THR A 366 -18.17 -4.32 9.76
CA THR A 366 -19.10 -5.36 10.24
C THR A 366 -19.90 -6.03 9.11
N GLU A 367 -20.26 -5.26 8.08
CA GLU A 367 -21.13 -5.76 7.01
C GLU A 367 -20.40 -6.02 5.70
N ILE A 368 -19.42 -5.17 5.39
CA ILE A 368 -18.71 -5.27 4.11
C ILE A 368 -17.55 -6.27 4.21
N TYR A 369 -16.76 -6.17 5.28
CA TYR A 369 -15.66 -7.10 5.51
C TYR A 369 -16.20 -8.39 6.12
N THR A 370 -16.52 -9.36 5.24
CA THR A 370 -17.01 -10.65 5.69
C THR A 370 -16.38 -11.78 4.88
N GLU A 371 -16.34 -12.96 5.48
CA GLU A 371 -15.81 -14.14 4.84
C GLU A 371 -16.59 -14.38 3.52
N ASP A 372 -17.90 -14.24 3.56
CA ASP A 372 -18.77 -14.47 2.37
C ASP A 372 -18.32 -13.61 1.18
N ASN A 373 -18.05 -12.35 1.46
CA ASN A 373 -17.63 -11.39 0.44
C ASN A 373 -16.25 -11.70 -0.12
N PHE A 374 -15.35 -12.18 0.72
CA PHE A 374 -14.06 -12.63 0.22
C PHE A 374 -14.21 -13.84 -0.71
N VAL A 375 -15.07 -14.77 -0.34
CA VAL A 375 -15.36 -15.94 -1.19
C VAL A 375 -15.84 -15.46 -2.56
N LYS A 376 -16.74 -14.50 -2.57
CA LYS A 376 -17.24 -13.93 -3.82
C LYS A 376 -16.12 -13.30 -4.66
N PHE A 377 -15.25 -12.52 -4.05
CA PHE A 377 -14.12 -11.91 -4.74
C PHE A 377 -13.09 -12.92 -5.26
N PHE A 378 -12.76 -13.92 -4.43
CA PHE A 378 -11.79 -14.95 -4.85
C PHE A 378 -12.38 -15.90 -5.88
N LYS A 379 -13.70 -15.99 -5.91
CA LYS A 379 -14.42 -16.94 -6.75
C LYS A 379 -13.95 -18.37 -6.44
N VAL A 380 -13.92 -18.72 -5.16
CA VAL A 380 -13.58 -20.08 -4.74
C VAL A 380 -14.80 -20.73 -4.13
N LEU A 381 -14.72 -22.03 -3.91
CA LEU A 381 -15.77 -22.76 -3.19
C LEU A 381 -15.52 -22.65 -1.68
N ASN A 382 -16.59 -22.51 -0.93
CA ASN A 382 -16.51 -22.45 0.54
C ASN A 382 -17.78 -23.07 1.11
N ARG A 383 -17.72 -23.52 2.36
CA ARG A 383 -18.91 -24.02 3.04
C ARG A 383 -19.93 -22.89 3.14
N LYS A 384 -21.20 -23.27 3.17
CA LYS A 384 -22.29 -22.30 2.98
C LYS A 384 -22.82 -21.72 4.30
N THR A 385 -22.38 -22.28 5.42
CA THR A 385 -22.75 -21.76 6.74
C THR A 385 -21.59 -22.06 7.72
N TYR A 386 -21.45 -21.22 8.73
CA TYR A 386 -20.32 -21.36 9.67
C TYR A 386 -20.06 -22.78 10.20
N LEU A 387 -21.08 -23.47 10.69
CA LEU A 387 -20.86 -24.81 11.29
C LEU A 387 -20.67 -26.00 10.32
N ASN A 388 -20.88 -25.80 9.01
CA ASN A 388 -20.93 -26.94 8.06
C ASN A 388 -19.57 -27.41 7.53
N PHE A 389 -18.61 -27.62 8.42
CA PHE A 389 -17.31 -28.17 8.05
C PHE A 389 -17.21 -29.65 8.39
N ASP A 390 -16.28 -30.34 7.73
CA ASP A 390 -15.94 -31.75 8.00
C ASP A 390 -14.96 -31.84 9.15
N LYS A 391 -14.86 -33.02 9.74
CA LYS A 391 -13.77 -33.27 10.66
C LYS A 391 -12.41 -33.48 9.94
N ALA A 392 -12.36 -33.31 8.61
CA ALA A 392 -11.17 -33.59 7.81
C ALA A 392 -10.11 -32.47 7.90
N VAL A 393 -8.86 -32.89 8.12
CA VAL A 393 -7.73 -31.97 8.16
C VAL A 393 -6.71 -32.43 7.14
N PHE A 394 -6.09 -31.47 6.45
CA PHE A 394 -5.12 -31.76 5.38
C PHE A 394 -3.84 -30.98 5.57
N LYS A 395 -2.72 -31.62 5.29
CA LYS A 395 -1.43 -30.95 5.12
C LYS A 395 -1.37 -30.40 3.70
N ILE A 396 -0.99 -29.12 3.58
CA ILE A 396 -0.87 -28.45 2.30
C ILE A 396 0.48 -27.74 2.18
N ASN A 397 0.82 -27.34 0.95
CA ASN A 397 1.95 -26.43 0.70
C ASN A 397 1.63 -25.47 -0.45
N ILE A 398 1.29 -24.23 -0.07
CA ILE A 398 0.81 -23.24 -1.03
C ILE A 398 1.94 -22.38 -1.60
N VAL A 399 3.15 -22.64 -1.13
CA VAL A 399 4.29 -21.77 -1.48
C VAL A 399 4.70 -21.94 -2.94
N PRO A 400 4.85 -23.20 -3.42
CA PRO A 400 5.10 -23.38 -4.85
C PRO A 400 3.97 -22.90 -5.76
N LYS A 401 4.37 -22.14 -6.77
CA LYS A 401 3.46 -21.54 -7.74
C LYS A 401 2.72 -22.61 -8.55
N VAL A 402 3.34 -23.78 -8.68
CA VAL A 402 2.69 -24.94 -9.34
C VAL A 402 1.55 -25.53 -8.51
N ASN A 403 1.50 -25.19 -7.21
CA ASN A 403 0.50 -25.68 -6.28
C ASN A 403 -0.68 -24.70 -6.05
N TYR A 404 -0.35 -23.42 -6.04
CA TYR A 404 -1.27 -22.39 -5.56
C TYR A 404 -0.76 -21.03 -6.03
N THR A 405 -1.66 -20.17 -6.50
CA THR A 405 -1.27 -18.86 -7.02
C THR A 405 -2.03 -17.74 -6.31
N ILE A 406 -1.43 -16.56 -6.31
CA ILE A 406 -2.08 -15.35 -5.82
C ILE A 406 -3.42 -15.07 -6.50
N TYR A 407 -3.56 -15.32 -7.80
CA TYR A 407 -4.83 -15.02 -8.49
C TYR A 407 -5.88 -16.14 -8.43
N ASP A 408 -5.44 -17.38 -8.45
CA ASP A 408 -6.37 -18.51 -8.56
C ASP A 408 -6.47 -19.44 -7.36
N GLY A 409 -5.61 -19.27 -6.36
CA GLY A 409 -5.53 -20.24 -5.29
C GLY A 409 -5.14 -21.60 -5.86
N PHE A 410 -5.88 -22.64 -5.50
CA PHE A 410 -5.64 -23.99 -6.02
C PHE A 410 -6.21 -24.21 -7.43
N ASN A 411 -7.13 -23.36 -7.86
CA ASN A 411 -7.92 -23.60 -9.08
C ASN A 411 -7.25 -22.98 -10.28
N LEU A 412 -6.04 -23.47 -10.56
CA LEU A 412 -5.14 -22.90 -11.55
C LEU A 412 -5.76 -22.81 -12.96
N ARG A 413 -5.74 -21.60 -13.51
CA ARG A 413 -6.30 -21.32 -14.82
C ARG A 413 -5.58 -22.14 -15.90
N ASN A 414 -6.30 -22.43 -16.97
CA ASN A 414 -5.75 -23.17 -18.11
C ASN A 414 -5.24 -24.56 -17.75
N THR A 415 -5.84 -25.17 -16.73
CA THR A 415 -5.57 -26.56 -16.34
C THR A 415 -6.90 -27.23 -16.02
N ASN A 416 -6.85 -28.52 -15.74
CA ASN A 416 -8.02 -29.27 -15.28
C ASN A 416 -8.59 -28.76 -13.94
N LEU A 417 -7.72 -28.11 -13.15
CA LEU A 417 -8.11 -27.57 -11.83
C LEU A 417 -8.98 -26.30 -11.83
N ALA A 418 -9.12 -25.66 -12.99
CA ALA A 418 -9.87 -24.40 -13.08
C ALA A 418 -11.39 -24.60 -13.04
N ALA A 419 -11.85 -25.78 -13.44
CA ALA A 419 -13.27 -26.05 -13.60
C ALA A 419 -13.82 -26.81 -12.41
N ASN A 420 -15.02 -26.40 -11.97
CA ASN A 420 -15.77 -27.10 -10.91
C ASN A 420 -15.00 -27.13 -9.59
N PHE A 421 -14.20 -26.10 -9.37
CA PHE A 421 -13.37 -26.02 -8.17
C PHE A 421 -12.53 -27.29 -7.96
N ASN A 422 -12.09 -27.89 -9.07
CA ASN A 422 -11.30 -29.13 -9.03
C ASN A 422 -10.00 -28.97 -8.22
N GLY A 423 -9.41 -27.79 -8.25
CA GLY A 423 -8.22 -27.52 -7.44
C GLY A 423 -8.44 -27.71 -5.96
N GLN A 424 -9.66 -27.40 -5.50
CA GLN A 424 -10.04 -27.57 -4.10
C GLN A 424 -10.60 -28.95 -3.80
N ASN A 425 -10.83 -29.76 -4.83
CA ASN A 425 -11.37 -31.11 -4.68
C ASN A 425 -10.22 -32.02 -4.27
N THR A 426 -10.33 -32.59 -3.08
CA THR A 426 -9.20 -33.30 -2.47
C THR A 426 -8.97 -34.69 -3.08
N GLU A 427 -9.93 -35.16 -3.88
CA GLU A 427 -9.79 -36.42 -4.56
C GLU A 427 -9.22 -36.18 -5.97
N ILE A 428 -9.58 -35.05 -6.59
CA ILE A 428 -9.08 -34.72 -7.92
C ILE A 428 -7.67 -34.15 -7.83
N ASN A 429 -7.48 -33.17 -6.94
CA ASN A 429 -6.17 -32.57 -6.75
C ASN A 429 -5.46 -33.22 -5.57
N ASN A 430 -5.44 -34.55 -5.56
CA ASN A 430 -4.96 -35.30 -4.39
C ASN A 430 -3.50 -34.98 -4.01
N MET A 431 -2.67 -34.62 -4.98
CA MET A 431 -1.27 -34.31 -4.69
C MET A 431 -1.07 -33.11 -3.76
N ASN A 432 -2.04 -32.19 -3.76
CA ASN A 432 -1.99 -30.99 -2.94
C ASN A 432 -2.61 -31.13 -1.56
N PHE A 433 -3.24 -32.26 -1.28
CA PHE A 433 -3.87 -32.46 0.03
C PHE A 433 -3.54 -33.83 0.57
N THR A 434 -2.83 -33.86 1.70
CA THR A 434 -2.58 -35.11 2.40
C THR A 434 -3.50 -35.16 3.62
N LYS A 435 -4.37 -36.16 3.64
CA LYS A 435 -5.33 -36.30 4.73
C LYS A 435 -4.64 -36.76 6.00
N LEU A 436 -4.91 -36.05 7.10
CA LEU A 436 -4.33 -36.35 8.40
C LEU A 436 -5.33 -37.04 9.35
N LYS A 437 -4.80 -37.62 10.42
CA LYS A 437 -5.61 -38.13 11.54
C LYS A 437 -5.72 -36.99 12.56
N ASN A 438 -6.90 -36.48 12.93
CA ASN A 438 -8.10 -37.23 13.33
C ASN A 438 -7.81 -37.58 14.78
N PHE A 439 -7.70 -36.53 15.61
CA PHE A 439 -7.33 -36.69 17.02
C PHE A 439 -8.57 -36.96 17.89
N SER B 11 -17.07 19.07 0.26
CA SER B 11 -16.94 17.56 0.28
C SER B 11 -16.05 17.02 -0.88
N SER B 12 -14.91 16.42 -0.54
CA SER B 12 -13.84 16.10 -1.52
C SER B 12 -13.86 14.67 -2.07
N GLY B 13 -14.55 13.75 -1.41
CA GLY B 13 -14.63 12.36 -1.87
C GLY B 13 -13.29 11.67 -1.89
N LEU B 14 -12.48 11.90 -0.85
CA LEU B 14 -11.16 11.27 -0.78
C LEU B 14 -11.23 9.76 -0.50
N VAL B 15 -12.34 9.26 0.08
CA VAL B 15 -12.45 7.85 0.43
C VAL B 15 -13.77 7.25 -0.08
N PRO B 16 -13.87 7.02 -1.40
CA PRO B 16 -15.10 6.45 -1.96
C PRO B 16 -15.38 5.01 -1.56
N ARG B 17 -14.31 4.23 -1.30
CA ARG B 17 -14.41 2.84 -0.88
C ARG B 17 -13.53 2.54 0.32
N GLY B 18 -14.13 1.98 1.36
CA GLY B 18 -13.39 1.60 2.57
C GLY B 18 -13.46 2.69 3.62
N SER B 19 -12.63 2.57 4.65
CA SER B 19 -12.59 3.54 5.75
C SER B 19 -11.59 4.65 5.53
N HIS B 20 -10.46 4.33 4.90
CA HIS B 20 -9.34 5.26 4.77
C HIS B 20 -8.69 5.21 3.39
N MET B 21 -7.98 6.27 3.05
CA MET B 21 -7.19 6.29 1.82
C MET B 21 -6.19 5.13 1.84
N GLN B 22 -5.92 4.57 0.66
CA GLN B 22 -5.11 3.38 0.52
C GLN B 22 -3.63 3.64 0.27
N PHE B 23 -3.32 4.79 -0.31
CA PHE B 23 -1.92 5.12 -0.61
C PHE B 23 -1.45 6.30 0.23
N VAL B 24 -2.24 7.38 0.22
CA VAL B 24 -1.85 8.60 0.95
C VAL B 24 -2.11 8.34 2.44
N ASN B 25 -1.12 8.63 3.27
CA ASN B 25 -1.16 8.22 4.67
C ASN B 25 -2.08 9.01 5.57
N LYS B 26 -2.32 10.27 5.22
CA LYS B 26 -3.11 11.17 6.06
C LYS B 26 -3.88 12.18 5.21
N GLN B 27 -5.03 12.62 5.68
CA GLN B 27 -5.74 13.77 5.08
C GLN B 27 -5.21 15.07 5.69
N PHE B 28 -4.13 15.57 5.10
CA PHE B 28 -3.48 16.78 5.53
C PHE B 28 -4.33 18.01 5.20
N ASN B 29 -4.27 18.98 6.10
CA ASN B 29 -4.61 20.36 5.77
C ASN B 29 -3.32 21.18 5.77
N TYR B 30 -3.23 22.17 4.90
CA TYR B 30 -1.99 22.96 4.84
C TYR B 30 -1.56 23.57 6.19
N LYS B 31 -2.53 23.95 7.01
CA LYS B 31 -2.25 24.64 8.25
C LYS B 31 -1.96 23.70 9.41
N ASP B 32 -1.97 22.40 9.18
CA ASP B 32 -1.62 21.45 10.24
C ASP B 32 -0.21 21.75 10.76
N PRO B 33 -0.01 21.74 12.09
CA PRO B 33 1.31 22.06 12.64
C PRO B 33 2.44 21.14 12.18
N VAL B 34 3.63 21.70 11.97
CA VAL B 34 4.81 20.88 11.70
C VAL B 34 5.10 19.96 12.87
N ASN B 35 5.61 18.77 12.58
CA ASN B 35 5.89 17.77 13.60
C ASN B 35 7.25 17.09 13.40
N GLY B 36 7.93 17.36 12.29
CA GLY B 36 9.25 16.79 12.03
C GLY B 36 9.22 15.40 11.43
N VAL B 37 8.02 14.82 11.29
CA VAL B 37 7.87 13.42 10.87
C VAL B 37 7.12 13.31 9.54
N ASP B 38 5.89 13.79 9.47
CA ASP B 38 5.17 13.82 8.15
C ASP B 38 4.70 15.20 7.72
N ILE B 39 4.92 16.19 8.59
CA ILE B 39 4.77 17.60 8.26
C ILE B 39 6.00 18.31 8.83
N ALA B 40 6.74 19.00 7.97
CA ALA B 40 7.95 19.66 8.42
C ALA B 40 8.37 20.76 7.47
N TYR B 41 9.15 21.70 7.98
N TYR B 41 9.15 21.71 7.97
CA TYR B 41 9.93 22.58 7.12
CA TYR B 41 9.89 22.58 7.08
C TYR B 41 11.11 21.75 6.62
C TYR B 41 11.14 21.82 6.63
N ILE B 42 11.39 21.87 5.32
CA ILE B 42 12.50 21.14 4.73
C ILE B 42 13.35 22.02 3.84
N LYS B 43 14.59 21.59 3.64
CA LYS B 43 15.48 22.25 2.70
C LYS B 43 16.13 21.19 1.83
N ILE B 44 16.34 21.51 0.56
CA ILE B 44 16.99 20.60 -0.38
C ILE B 44 18.49 20.82 -0.27
N PRO B 45 19.26 19.77 0.09
CA PRO B 45 20.73 19.89 0.24
C PRO B 45 21.41 20.62 -0.92
N GLY B 48 20.91 25.52 -2.14
CA GLY B 48 21.77 26.46 -2.90
C GLY B 48 21.28 27.90 -3.03
N GLN B 49 21.24 28.66 -1.93
CA GLN B 49 20.99 28.09 -0.61
C GLN B 49 19.67 28.71 -0.13
N MET B 50 18.68 27.84 0.02
CA MET B 50 17.27 28.22 0.14
C MET B 50 16.85 28.35 1.60
N GLN B 51 15.75 29.08 1.81
CA GLN B 51 15.07 29.11 3.08
C GLN B 51 14.05 27.96 3.09
N PRO B 52 13.72 27.43 4.28
CA PRO B 52 12.86 26.24 4.32
C PRO B 52 11.47 26.44 3.74
N VAL B 53 10.90 25.37 3.20
CA VAL B 53 9.53 25.32 2.73
C VAL B 53 8.77 24.21 3.48
N LYS B 54 7.50 24.46 3.78
CA LYS B 54 6.65 23.47 4.45
C LYS B 54 6.29 22.36 3.47
N ALA B 55 6.52 21.11 3.91
CA ALA B 55 6.34 19.91 3.11
C ALA B 55 5.51 18.84 3.87
N PHE B 56 4.88 17.95 3.09
CA PHE B 56 3.98 16.94 3.63
C PHE B 56 4.36 15.59 3.09
N LYS B 57 4.53 14.61 3.99
CA LYS B 57 4.98 13.28 3.60
C LYS B 57 3.75 12.42 3.38
N ILE B 58 3.41 12.19 2.12
CA ILE B 58 2.15 11.49 1.80
C ILE B 58 2.30 9.96 1.81
N HIS B 59 3.53 9.46 1.67
CA HIS B 59 3.78 8.02 1.73
C HIS B 59 5.26 7.84 2.04
N ASN B 60 5.66 6.64 2.44
N ASN B 60 5.66 6.65 2.45
CA ASN B 60 7.07 6.24 2.46
CA ASN B 60 7.09 6.35 2.53
C ASN B 60 7.76 6.74 1.19
C ASN B 60 7.77 6.73 1.23
N LYS B 61 8.87 7.48 1.36
CA LYS B 61 9.71 7.92 0.24
C LYS B 61 9.13 9.04 -0.65
N ILE B 62 7.97 9.59 -0.28
CA ILE B 62 7.28 10.56 -1.14
C ILE B 62 6.75 11.76 -0.37
N TRP B 63 7.21 12.96 -0.76
CA TRP B 63 6.80 14.19 -0.10
C TRP B 63 6.17 15.11 -1.12
N VAL B 64 5.34 16.02 -0.62
CA VAL B 64 4.69 17.03 -1.48
C VAL B 64 5.05 18.39 -0.94
N ILE B 65 5.52 19.27 -1.81
CA ILE B 65 5.80 20.65 -1.47
C ILE B 65 4.87 21.59 -2.24
N PRO B 66 3.83 22.12 -1.58
CA PRO B 66 2.86 23.02 -2.24
C PRO B 66 3.39 24.46 -2.46
N GLU B 67 4.48 24.59 -3.21
CA GLU B 67 5.14 25.84 -3.53
C GLU B 67 5.48 25.87 -5.01
N ARG B 68 5.51 27.06 -5.58
CA ARG B 68 6.10 27.23 -6.88
C ARG B 68 7.58 26.84 -6.79
N ASP B 69 8.07 26.14 -7.81
CA ASP B 69 9.45 25.68 -7.79
C ASP B 69 10.38 26.78 -8.25
N THR B 70 10.88 27.53 -7.28
CA THR B 70 11.96 28.49 -7.49
C THR B 70 13.32 27.97 -6.95
N PHE B 71 13.42 26.66 -6.77
CA PHE B 71 14.50 26.02 -6.01
C PHE B 71 15.40 25.10 -6.83
N THR B 72 14.81 24.26 -7.67
CA THR B 72 15.57 23.18 -8.31
C THR B 72 16.49 23.63 -9.45
N ASN B 73 16.16 24.74 -10.10
CA ASN B 73 16.99 25.29 -11.17
C ASN B 73 17.53 26.65 -10.71
N PRO B 74 18.86 26.79 -10.63
CA PRO B 74 19.42 28.09 -10.23
C PRO B 74 19.08 29.22 -11.21
N GLU B 75 18.86 28.89 -12.48
CA GLU B 75 18.50 29.90 -13.49
C GLU B 75 16.99 30.19 -13.57
N GLU B 76 16.21 29.58 -12.68
CA GLU B 76 14.77 29.83 -12.58
C GLU B 76 14.35 30.16 -11.14
N GLY B 77 14.83 31.28 -10.60
CA GLY B 77 14.54 31.66 -9.22
C GLY B 77 13.38 32.63 -9.03
N ASP B 78 12.65 32.92 -10.11
CA ASP B 78 11.47 33.80 -10.04
C ASP B 78 10.36 33.28 -10.99
N LEU B 79 9.24 33.99 -11.06
CA LEU B 79 8.04 33.48 -11.73
C LEU B 79 7.52 34.37 -12.85
N ASN B 80 8.32 35.34 -13.29
CA ASN B 80 7.93 36.21 -14.39
C ASN B 80 8.34 35.58 -15.71
N PRO B 81 7.53 35.77 -16.79
CA PRO B 81 7.83 35.17 -18.09
C PRO B 81 9.20 35.56 -18.64
N PRO B 82 9.91 34.64 -19.30
CA PRO B 82 11.28 34.86 -19.72
C PRO B 82 11.35 35.74 -20.97
N PRO B 89 5.23 27.53 -27.89
CA PRO B 89 4.06 26.79 -28.38
C PRO B 89 2.81 26.95 -27.50
N VAL B 90 2.85 26.45 -26.26
CA VAL B 90 1.74 26.57 -25.32
C VAL B 90 2.32 26.77 -23.92
N SER B 91 2.13 27.95 -23.34
CA SER B 91 2.65 28.25 -22.01
C SER B 91 1.69 29.19 -21.28
N TYR B 92 1.76 29.20 -19.95
CA TYR B 92 0.89 30.05 -19.15
C TYR B 92 1.59 30.60 -17.92
N TYR B 93 1.48 31.92 -17.72
CA TYR B 93 2.13 32.59 -16.63
C TYR B 93 1.15 33.28 -15.71
N ASP B 94 1.36 33.11 -14.41
CA ASP B 94 0.67 33.88 -13.39
C ASP B 94 1.49 33.81 -12.12
N SER B 95 2.21 34.88 -11.83
CA SER B 95 3.13 34.91 -10.70
C SER B 95 2.42 34.79 -9.34
N THR B 96 1.11 35.02 -9.32
CA THR B 96 0.34 34.94 -8.08
C THR B 96 -0.20 33.53 -7.77
N TYR B 97 -0.16 32.62 -8.74
CA TYR B 97 -0.65 31.26 -8.51
C TYR B 97 0.18 30.57 -7.42
N LEU B 98 -0.53 29.98 -6.46
CA LEU B 98 0.04 29.16 -5.37
C LEU B 98 0.86 30.01 -4.38
N SER B 99 0.39 31.22 -4.12
CA SER B 99 1.03 32.14 -3.18
C SER B 99 0.31 32.25 -1.84
N THR B 100 -0.89 31.69 -1.73
CA THR B 100 -1.67 31.79 -0.49
C THR B 100 -1.86 30.42 0.18
N ASP B 101 -2.01 30.42 1.50
CA ASP B 101 -2.30 29.20 2.25
C ASP B 101 -3.51 28.43 1.72
N ASN B 102 -4.57 29.15 1.33
CA ASN B 102 -5.78 28.46 0.82
C ASN B 102 -5.52 27.74 -0.50
N GLU B 103 -4.75 28.35 -1.38
CA GLU B 103 -4.36 27.67 -2.62
C GLU B 103 -3.45 26.49 -2.37
N LYS B 104 -2.57 26.60 -1.38
CA LYS B 104 -1.65 25.51 -1.04
C LYS B 104 -2.40 24.30 -0.43
N ASP B 105 -3.44 24.58 0.34
CA ASP B 105 -4.32 23.54 0.87
C ASP B 105 -5.05 22.82 -0.25
N ASN B 106 -5.60 23.58 -1.19
CA ASN B 106 -6.28 23.00 -2.33
C ASN B 106 -5.33 22.19 -3.22
N TYR B 107 -4.12 22.70 -3.42
CA TYR B 107 -3.06 21.98 -4.14
C TYR B 107 -2.79 20.60 -3.52
N LEU B 108 -2.57 20.59 -2.21
CA LEU B 108 -2.33 19.36 -1.43
C LEU B 108 -3.48 18.36 -1.54
N LYS B 109 -4.71 18.85 -1.46
CA LYS B 109 -5.88 17.98 -1.55
C LYS B 109 -6.06 17.44 -2.96
N GLY B 110 -5.75 18.26 -3.96
CA GLY B 110 -5.81 17.85 -5.35
C GLY B 110 -4.78 16.79 -5.68
N VAL B 111 -3.54 17.00 -5.23
CA VAL B 111 -2.49 16.00 -5.47
C VAL B 111 -2.82 14.72 -4.74
N THR B 112 -3.26 14.81 -3.49
CA THR B 112 -3.72 13.65 -2.70
C THR B 112 -4.78 12.86 -3.48
N LYS B 113 -5.79 13.57 -3.96
CA LYS B 113 -6.84 12.92 -4.73
C LYS B 113 -6.34 12.20 -5.97
N LEU B 114 -5.39 12.80 -6.67
CA LEU B 114 -4.85 12.20 -7.89
C LEU B 114 -3.99 10.96 -7.61
N PHE B 115 -3.27 10.96 -6.49
CA PHE B 115 -2.56 9.71 -6.07
C PHE B 115 -3.55 8.58 -5.78
N GLU B 116 -4.64 8.92 -5.11
CA GLU B 116 -5.70 7.93 -4.83
C GLU B 116 -6.31 7.41 -6.11
N ARG B 117 -6.51 8.29 -7.07
CA ARG B 117 -7.08 7.87 -8.34
C ARG B 117 -6.12 6.97 -9.10
N ILE B 118 -4.84 7.33 -9.13
CA ILE B 118 -3.83 6.48 -9.76
C ILE B 118 -3.82 5.10 -9.08
N TYR B 119 -3.81 5.10 -7.75
CA TYR B 119 -3.78 3.86 -6.97
C TYR B 119 -5.07 3.02 -7.07
N SER B 120 -6.16 3.62 -7.56
CA SER B 120 -7.40 2.88 -7.75
C SER B 120 -7.36 1.93 -8.95
N THR B 121 -6.32 2.06 -9.78
CA THR B 121 -6.10 1.16 -10.91
C THR B 121 -5.01 0.15 -10.59
N ASP B 122 -5.11 -1.06 -11.14
CA ASP B 122 -4.02 -2.03 -10.92
C ASP B 122 -2.68 -1.51 -11.45
N LEU B 123 -2.68 -0.89 -12.63
CA LEU B 123 -1.46 -0.33 -13.22
C LEU B 123 -0.82 0.71 -12.32
N GLY B 124 -1.64 1.56 -11.70
CA GLY B 124 -1.14 2.56 -10.77
C GLY B 124 -0.55 2.00 -9.48
N ARG B 125 -1.16 0.95 -8.94
CA ARG B 125 -0.59 0.26 -7.78
C ARG B 125 0.77 -0.36 -8.14
N MET B 126 0.86 -0.94 -9.34
CA MET B 126 2.12 -1.50 -9.83
C MET B 126 3.20 -0.40 -9.94
N LEU B 127 2.88 0.69 -10.66
CA LEU B 127 3.81 1.81 -10.86
C LEU B 127 4.23 2.43 -9.52
N LEU B 128 3.26 2.73 -8.66
CA LEU B 128 3.59 3.39 -7.39
C LEU B 128 4.44 2.50 -6.47
N THR B 129 4.14 1.20 -6.44
CA THR B 129 4.98 0.22 -5.76
C THR B 129 6.43 0.26 -6.31
N SER B 130 6.57 0.20 -7.63
CA SER B 130 7.88 0.23 -8.28
C SER B 130 8.65 1.50 -7.86
N ILE B 131 7.94 2.63 -7.83
CA ILE B 131 8.53 3.89 -7.42
C ILE B 131 9.03 3.90 -5.97
N VAL B 132 8.20 3.41 -5.04
CA VAL B 132 8.59 3.37 -3.63
C VAL B 132 9.77 2.41 -3.38
N ARG B 133 9.80 1.30 -4.11
CA ARG B 133 10.93 0.36 -4.00
C ARG B 133 12.26 0.83 -4.65
N GLY B 134 12.17 1.82 -5.52
CA GLY B 134 13.29 2.26 -6.37
C GLY B 134 14.22 3.25 -5.69
N ILE B 135 14.68 2.91 -4.50
CA ILE B 135 15.56 3.80 -3.71
C ILE B 135 16.84 4.09 -4.51
N PRO B 136 17.21 5.39 -4.67
CA PRO B 136 18.46 5.72 -5.31
C PRO B 136 19.66 5.00 -4.70
N PHE B 137 20.52 4.45 -5.56
CA PHE B 137 21.65 3.64 -5.12
C PHE B 137 22.66 4.40 -4.25
N TRP B 138 23.26 3.68 -3.31
CA TRP B 138 24.33 4.22 -2.46
C TRP B 138 25.66 4.15 -3.17
N GLY B 139 25.83 5.04 -4.13
CA GLY B 139 27.02 5.05 -4.95
C GLY B 139 27.94 6.23 -4.72
N GLY B 140 27.84 6.87 -3.56
CA GLY B 140 28.48 8.16 -3.33
C GLY B 140 29.94 8.14 -2.89
N SER B 141 30.48 6.97 -2.61
CA SER B 141 31.85 6.87 -2.10
C SER B 141 32.89 6.90 -3.22
N THR B 142 34.04 7.51 -2.95
CA THR B 142 35.20 7.45 -3.85
C THR B 142 36.11 6.28 -3.47
N ILE B 143 35.76 5.58 -2.39
CA ILE B 143 36.37 4.30 -2.03
C ILE B 143 35.47 3.22 -2.61
N ASP B 144 36.02 2.39 -3.49
CA ASP B 144 35.20 1.46 -4.29
C ASP B 144 34.69 0.24 -3.51
N THR B 145 35.12 0.07 -2.27
CA THR B 145 34.61 -1.00 -1.39
C THR B 145 33.68 -0.46 -0.28
N GLU B 146 33.32 0.82 -0.37
CA GLU B 146 32.48 1.45 0.65
C GLU B 146 31.15 1.91 0.06
N LEU B 147 30.06 1.64 0.76
CA LEU B 147 28.74 2.14 0.37
C LEU B 147 28.44 3.44 1.09
N LYS B 148 27.96 4.42 0.36
CA LYS B 148 27.66 5.73 0.90
C LYS B 148 26.51 6.37 0.13
N VAL B 149 25.62 7.04 0.86
CA VAL B 149 24.49 7.74 0.25
C VAL B 149 25.02 8.89 -0.62
N ILE B 150 24.25 9.29 -1.62
CA ILE B 150 24.54 10.53 -2.35
C ILE B 150 23.61 11.63 -1.79
N ASP B 151 24.19 12.78 -1.44
CA ASP B 151 23.49 13.77 -0.60
C ASP B 151 22.33 14.43 -1.30
N THR B 152 22.38 14.48 -2.62
CA THR B 152 21.29 15.04 -3.41
C THR B 152 20.09 14.09 -3.54
N ASN B 153 20.19 12.90 -2.92
CA ASN B 153 19.07 11.96 -2.82
C ASN B 153 18.35 12.01 -1.47
N CYS B 154 18.55 13.14 -0.78
CA CYS B 154 18.00 13.40 0.54
C CYS B 154 17.33 14.76 0.63
N ILE B 155 16.51 14.92 1.66
CA ILE B 155 16.11 16.26 2.07
C ILE B 155 16.50 16.43 3.52
N ASN B 156 16.63 17.69 3.93
CA ASN B 156 16.95 18.04 5.30
C ASN B 156 15.67 18.47 6.02
N VAL B 157 15.22 17.66 6.98
CA VAL B 157 13.91 17.80 7.60
C VAL B 157 14.06 18.47 8.96
N ILE B 158 13.53 19.68 9.08
CA ILE B 158 13.68 20.44 10.32
C ILE B 158 12.72 19.94 11.40
N GLN B 159 13.25 19.77 12.62
CA GLN B 159 12.44 19.35 13.76
C GLN B 159 12.01 20.57 14.59
N PRO B 160 10.81 20.50 15.23
CA PRO B 160 10.36 21.55 16.17
C PRO B 160 11.38 22.00 17.22
N ASP B 161 12.35 21.14 17.55
CA ASP B 161 13.41 21.49 18.52
C ASP B 161 14.66 22.12 17.91
N GLY B 162 14.67 22.34 16.59
CA GLY B 162 15.74 23.08 15.92
C GLY B 162 16.74 22.26 15.15
N SER B 163 16.89 20.98 15.51
CA SER B 163 17.80 20.10 14.77
C SER B 163 17.20 19.73 13.39
N TYR B 164 18.06 19.25 12.50
CA TYR B 164 17.66 18.72 11.20
C TYR B 164 17.80 17.21 11.32
N ARG B 165 17.20 16.51 10.36
CA ARG B 165 17.46 15.11 10.13
C ARG B 165 17.58 14.93 8.63
N SER B 166 18.63 14.25 8.17
CA SER B 166 18.74 13.89 6.77
C SER B 166 17.81 12.73 6.50
N GLU B 167 16.90 12.90 5.54
CA GLU B 167 16.00 11.81 5.17
C GLU B 167 16.12 11.50 3.68
N GLU B 168 16.44 10.26 3.37
CA GLU B 168 16.37 9.77 2.01
C GLU B 168 14.94 9.71 1.52
N LEU B 169 14.74 10.06 0.25
CA LEU B 169 13.44 9.95 -0.37
C LEU B 169 13.62 9.67 -1.85
N ASN B 170 12.52 9.22 -2.48
CA ASN B 170 12.52 8.91 -3.90
C ASN B 170 11.87 9.97 -4.78
N LEU B 171 10.86 10.66 -4.26
CA LEU B 171 9.99 11.51 -5.08
C LEU B 171 9.48 12.70 -4.30
N VAL B 172 9.52 13.86 -4.95
CA VAL B 172 8.94 15.11 -4.46
C VAL B 172 8.00 15.61 -5.56
N ILE B 173 6.75 15.88 -5.19
CA ILE B 173 5.83 16.64 -6.05
C ILE B 173 5.87 18.08 -5.61
N ILE B 174 6.18 18.98 -6.55
CA ILE B 174 6.31 20.40 -6.26
C ILE B 174 5.53 21.20 -7.31
N GLY B 175 5.12 22.41 -6.96
CA GLY B 175 4.41 23.29 -7.89
C GLY B 175 5.26 23.74 -9.05
N PRO B 176 4.62 24.20 -10.14
CA PRO B 176 5.43 24.61 -11.29
C PRO B 176 6.31 25.82 -11.03
N SER B 177 7.30 26.00 -11.90
CA SER B 177 8.09 27.20 -11.90
C SER B 177 7.30 28.30 -12.64
N ALA B 178 7.98 29.16 -13.39
CA ALA B 178 7.32 30.28 -14.04
C ALA B 178 6.17 29.86 -14.97
N ASP B 179 6.44 28.90 -15.86
CA ASP B 179 5.44 28.40 -16.82
C ASP B 179 4.63 27.32 -16.12
N ILE B 180 3.37 27.67 -15.84
CA ILE B 180 2.49 26.89 -14.96
C ILE B 180 2.15 25.54 -15.58
N ILE B 181 2.10 25.47 -16.90
CA ILE B 181 1.68 24.25 -17.61
C ILE B 181 2.90 23.46 -18.11
N GLN B 182 4.10 23.85 -17.71
CA GLN B 182 5.28 23.07 -18.08
C GLN B 182 5.53 21.99 -17.02
N PHE B 183 4.84 20.86 -17.17
CA PHE B 183 5.03 19.71 -16.29
C PHE B 183 6.35 19.04 -16.64
N GLU B 184 7.08 18.58 -15.63
CA GLU B 184 8.30 17.83 -15.91
C GLU B 184 8.81 17.07 -14.70
N CYS B 185 9.68 16.10 -14.98
CA CYS B 185 10.29 15.29 -13.94
C CYS B 185 11.78 15.52 -14.08
N LYS B 186 12.38 16.05 -13.02
CA LYS B 186 13.76 16.48 -13.04
C LYS B 186 14.46 16.04 -11.77
N SER B 187 15.79 16.14 -11.77
CA SER B 187 16.59 15.74 -10.62
C SER B 187 17.97 16.36 -10.64
N PHE B 188 18.61 16.28 -9.48
CA PHE B 188 19.90 16.88 -9.26
C PHE B 188 20.99 15.94 -9.78
N GLY B 189 21.90 16.51 -10.56
CA GLY B 189 22.98 15.72 -11.15
C GLY B 189 24.13 15.54 -10.19
N HIS B 190 25.00 14.59 -10.54
CA HIS B 190 26.24 14.34 -9.82
C HIS B 190 27.38 14.88 -10.67
N GLU B 191 28.49 15.23 -10.03
CA GLU B 191 29.63 15.84 -10.72
C GLU B 191 30.19 14.92 -11.81
N VAL B 192 30.23 13.61 -11.52
CA VAL B 192 30.81 12.65 -12.46
C VAL B 192 29.80 11.60 -12.94
N LEU B 193 28.90 11.16 -12.07
CA LEU B 193 27.96 10.09 -12.39
C LEU B 193 26.71 10.62 -13.11
N ASN B 194 26.19 9.81 -14.04
CA ASN B 194 24.93 10.12 -14.70
C ASN B 194 23.87 9.23 -14.09
N LEU B 195 23.35 9.67 -12.96
CA LEU B 195 22.55 8.87 -12.07
C LEU B 195 21.24 8.39 -12.70
N THR B 196 20.68 9.13 -13.63
CA THR B 196 19.44 8.69 -14.29
C THR B 196 19.71 7.76 -15.48
N ARG B 197 20.98 7.54 -15.80
CA ARG B 197 21.37 6.70 -16.94
C ARG B 197 22.49 5.70 -16.64
N ASN B 198 22.75 5.41 -15.37
CA ASN B 198 23.76 4.40 -15.02
C ASN B 198 23.22 3.31 -14.11
N GLY B 199 21.89 3.20 -14.04
CA GLY B 199 21.22 2.26 -13.13
C GLY B 199 21.03 2.66 -11.67
N TYR B 200 21.74 3.71 -11.22
CA TYR B 200 21.72 4.10 -9.81
C TYR B 200 20.39 4.72 -9.43
N GLY B 201 19.95 5.69 -10.24
CA GLY B 201 18.76 6.46 -9.92
C GLY B 201 19.09 7.62 -9.00
N SER B 202 18.14 8.53 -8.87
CA SER B 202 18.25 9.73 -8.04
C SER B 202 16.86 10.20 -7.67
N THR B 203 16.78 10.95 -6.58
CA THR B 203 15.53 11.55 -6.13
C THR B 203 14.95 12.43 -7.23
N GLN B 204 13.68 12.19 -7.52
CA GLN B 204 12.98 12.87 -8.60
C GLN B 204 12.05 13.96 -8.09
N TYR B 205 12.07 15.10 -8.79
CA TYR B 205 11.24 16.23 -8.47
C TYR B 205 10.30 16.42 -9.66
N ILE B 206 9.01 16.27 -9.40
CA ILE B 206 7.98 16.50 -10.43
C ILE B 206 7.31 17.86 -10.22
N ARG B 207 7.54 18.75 -11.16
CA ARG B 207 6.78 19.99 -11.27
C ARG B 207 5.42 19.69 -11.84
N PHE B 208 4.38 19.95 -11.05
CA PHE B 208 3.01 19.55 -11.43
C PHE B 208 1.98 20.42 -10.75
N SER B 209 0.90 20.74 -11.45
CA SER B 209 -0.27 21.41 -10.85
C SER B 209 -1.53 20.63 -11.16
N PRO B 210 -2.35 20.33 -10.12
CA PRO B 210 -3.68 19.77 -10.32
C PRO B 210 -4.73 20.85 -10.62
N ASP B 211 -4.32 22.12 -10.73
CA ASP B 211 -5.26 23.23 -10.76
C ASP B 211 -5.50 23.78 -12.16
N PHE B 212 -4.78 23.21 -13.11
CA PHE B 212 -4.85 23.55 -14.53
C PHE B 212 -4.76 22.27 -15.33
N THR B 213 -5.30 22.29 -16.55
CA THR B 213 -5.03 21.24 -17.54
C THR B 213 -5.06 21.85 -18.95
N PHE B 214 -4.84 21.02 -19.96
CA PHE B 214 -4.73 21.48 -21.33
C PHE B 214 -5.68 20.68 -22.21
N GLY B 215 -5.98 21.24 -23.37
CA GLY B 215 -6.95 20.68 -24.30
C GLY B 215 -6.37 19.84 -25.42
N PHE B 216 -7.24 19.04 -26.03
CA PHE B 216 -6.94 18.37 -27.28
C PHE B 216 -8.24 18.25 -28.07
N GLU B 217 -8.13 18.00 -29.37
CA GLU B 217 -9.27 17.91 -30.27
C GLU B 217 -9.28 16.54 -30.91
N GLU B 218 -10.46 15.92 -31.00
CA GLU B 218 -10.61 14.63 -31.67
C GLU B 218 -10.56 14.76 -33.17
N SER B 219 -10.17 13.66 -33.82
CA SER B 219 -10.28 13.53 -35.25
C SER B 219 -11.69 13.90 -35.74
N LEU B 220 -11.77 14.38 -36.97
CA LEU B 220 -13.06 14.64 -37.64
C LEU B 220 -13.95 13.38 -37.75
N GLU B 221 -13.31 12.22 -37.80
CA GLU B 221 -14.00 10.92 -37.79
C GLU B 221 -13.46 10.08 -36.64
N VAL B 222 -14.36 9.61 -35.77
CA VAL B 222 -13.98 8.78 -34.63
C VAL B 222 -14.80 7.50 -34.73
N ASP B 223 -14.15 6.41 -35.16
CA ASP B 223 -14.89 5.20 -35.57
C ASP B 223 -15.58 4.50 -34.39
N THR B 224 -15.00 4.61 -33.21
CA THR B 224 -15.50 3.96 -32.00
C THR B 224 -16.70 4.68 -31.34
N ASN B 225 -16.80 5.99 -31.59
CA ASN B 225 -17.98 6.77 -31.17
C ASN B 225 -18.07 8.01 -32.06
N PRO B 226 -18.87 7.93 -33.14
CA PRO B 226 -18.95 9.07 -34.07
C PRO B 226 -19.40 10.43 -33.49
N LEU B 227 -20.00 10.42 -32.31
CA LEU B 227 -20.47 11.67 -31.69
C LEU B 227 -19.27 12.56 -31.31
N LEU B 228 -18.15 11.92 -31.05
CA LEU B 228 -16.94 12.60 -30.57
C LEU B 228 -16.16 13.37 -31.66
N GLY B 229 -16.56 13.19 -32.92
CA GLY B 229 -15.92 13.81 -34.08
C GLY B 229 -15.71 15.32 -33.89
N ALA B 230 -14.45 15.75 -34.00
CA ALA B 230 -14.06 17.15 -33.85
C ALA B 230 -14.37 17.78 -32.48
N GLY B 231 -14.64 16.95 -31.46
CA GLY B 231 -14.93 17.44 -30.12
C GLY B 231 -13.69 18.05 -29.49
N LYS B 232 -13.90 18.98 -28.57
CA LYS B 232 -12.81 19.59 -27.81
C LYS B 232 -12.85 19.05 -26.40
N PHE B 233 -11.73 18.48 -25.95
CA PHE B 233 -11.68 17.82 -24.67
C PHE B 233 -10.50 18.30 -23.83
N ALA B 234 -10.59 18.02 -22.53
CA ALA B 234 -9.53 18.32 -21.57
C ALA B 234 -8.82 17.02 -21.14
N THR B 235 -7.51 17.13 -21.03
CA THR B 235 -6.71 16.03 -20.47
C THR B 235 -7.02 15.86 -19.00
N ASP B 236 -7.24 14.62 -18.61
CA ASP B 236 -7.50 14.29 -17.22
C ASP B 236 -6.15 14.46 -16.49
N PRO B 237 -6.11 15.29 -15.45
CA PRO B 237 -4.86 15.47 -14.69
C PRO B 237 -4.29 14.22 -14.01
N ALA B 238 -5.10 13.19 -13.74
CA ALA B 238 -4.52 11.90 -13.29
C ALA B 238 -3.61 11.28 -14.36
N VAL B 239 -3.96 11.45 -15.63
CA VAL B 239 -3.16 10.96 -16.76
C VAL B 239 -1.84 11.72 -16.87
N THR B 240 -1.91 13.04 -16.71
CA THR B 240 -0.72 13.90 -16.74
C THR B 240 0.23 13.54 -15.56
N LEU B 241 -0.32 13.34 -14.38
CA LEU B 241 0.52 13.00 -13.21
C LEU B 241 1.10 11.59 -13.40
N ALA B 242 0.29 10.66 -13.93
CA ALA B 242 0.81 9.30 -14.24
C ALA B 242 2.00 9.34 -15.25
N HIS B 243 1.87 10.17 -16.27
CA HIS B 243 2.94 10.38 -17.23
C HIS B 243 4.28 10.79 -16.54
N GLU B 244 4.20 11.80 -15.69
CA GLU B 244 5.38 12.25 -14.95
C GLU B 244 5.90 11.18 -14.00
N LEU B 245 5.00 10.39 -13.42
CA LEU B 245 5.40 9.27 -12.54
C LEU B 245 6.15 8.19 -13.32
N ILE B 246 5.77 8.00 -14.58
CA ILE B 246 6.43 7.05 -15.45
C ILE B 246 7.88 7.48 -15.72
N HIS B 247 8.11 8.75 -16.00
CA HIS B 247 9.48 9.27 -16.09
C HIS B 247 10.21 9.00 -14.81
N ALA B 248 9.55 9.27 -13.68
CA ALA B 248 10.16 9.08 -12.37
C ALA B 248 10.63 7.64 -12.19
N GLY B 249 9.81 6.68 -12.61
CA GLY B 249 10.20 5.26 -12.64
C GLY B 249 11.46 4.99 -13.46
N HIS B 250 11.54 5.55 -14.67
CA HIS B 250 12.72 5.35 -15.53
C HIS B 250 13.95 5.87 -14.82
N ARG B 251 13.78 7.04 -14.19
CA ARG B 251 14.91 7.81 -13.63
C ARG B 251 15.37 7.27 -12.26
N LEU B 252 14.43 6.79 -11.46
CA LEU B 252 14.74 6.06 -10.21
C LEU B 252 15.49 4.72 -10.38
N TYR B 253 15.27 4.04 -11.52
CA TYR B 253 16.00 2.81 -11.85
C TYR B 253 17.20 3.07 -12.78
N GLY B 254 17.45 4.35 -13.05
CA GLY B 254 18.61 4.76 -13.82
C GLY B 254 18.64 4.27 -15.25
N ILE B 255 17.48 4.21 -15.90
CA ILE B 255 17.37 3.70 -17.25
C ILE B 255 16.69 4.69 -18.23
N ALA B 256 16.86 5.97 -17.95
CA ALA B 256 16.33 7.03 -18.79
C ALA B 256 17.12 7.12 -20.09
N ILE B 257 16.45 7.58 -21.15
CA ILE B 257 17.09 7.85 -22.43
C ILE B 257 17.52 9.33 -22.43
N ASN B 258 18.76 9.57 -22.79
CA ASN B 258 19.28 10.94 -22.86
C ASN B 258 18.31 11.84 -23.65
N PRO B 259 17.87 12.97 -23.07
CA PRO B 259 17.00 13.93 -23.76
C PRO B 259 17.47 14.39 -25.16
N ASN B 260 18.76 14.27 -25.45
CA ASN B 260 19.29 14.67 -26.76
C ASN B 260 19.05 13.64 -27.86
N ARG B 261 18.52 12.46 -27.47
CA ARG B 261 18.08 11.45 -28.42
C ARG B 261 16.65 11.78 -28.81
N VAL B 262 16.48 12.23 -30.05
CA VAL B 262 15.20 12.75 -30.51
C VAL B 262 14.79 12.26 -31.89
N PHE B 263 13.48 12.18 -32.07
CA PHE B 263 12.87 11.89 -33.37
C PHE B 263 12.50 13.23 -34.00
N LEU B 276 9.68 20.58 -35.62
CA LEU B 276 9.14 19.71 -34.60
C LEU B 276 10.10 18.56 -34.26
N GLU B 277 10.20 18.24 -32.97
CA GLU B 277 11.19 17.30 -32.48
C GLU B 277 10.76 16.73 -31.14
N VAL B 278 10.65 15.40 -31.05
CA VAL B 278 10.25 14.71 -29.82
C VAL B 278 11.36 13.75 -29.36
N SER B 279 11.73 13.87 -28.08
CA SER B 279 12.71 12.96 -27.48
C SER B 279 12.18 11.53 -27.39
N PHE B 280 13.08 10.58 -27.54
CA PHE B 280 12.75 9.15 -27.40
C PHE B 280 12.15 8.87 -26.02
N GLU B 281 12.62 9.58 -24.99
CA GLU B 281 12.09 9.43 -23.64
C GLU B 281 10.60 9.78 -23.58
N GLU B 282 10.20 10.88 -24.22
CA GLU B 282 8.79 11.24 -24.27
C GLU B 282 7.97 10.24 -25.05
N LEU B 283 8.47 9.81 -26.21
CA LEU B 283 7.72 8.85 -27.05
C LEU B 283 7.48 7.53 -26.31
N ARG B 284 8.53 7.08 -25.63
N ARG B 284 8.51 7.06 -25.59
CA ARG B 284 8.49 5.90 -24.78
CA ARG B 284 8.39 5.84 -24.80
C ARG B 284 7.42 6.01 -23.69
C ARG B 284 7.37 6.00 -23.68
N THR B 285 7.46 7.11 -22.95
CA THR B 285 6.57 7.37 -21.83
C THR B 285 5.11 7.54 -22.25
N PHE B 286 4.88 8.17 -23.39
CA PHE B 286 3.53 8.34 -23.92
C PHE B 286 2.96 6.99 -24.39
N GLY B 287 3.77 6.27 -25.16
CA GLY B 287 3.46 4.90 -25.54
C GLY B 287 2.48 4.90 -26.70
N GLY B 288 1.68 3.84 -26.80
CA GLY B 288 0.74 3.71 -27.92
C GLY B 288 1.43 3.69 -29.28
N HIS B 289 0.77 4.26 -30.28
N HIS B 289 0.74 4.25 -30.27
CA HIS B 289 1.31 4.28 -31.64
CA HIS B 289 1.25 4.37 -31.64
C HIS B 289 2.65 5.02 -31.72
C HIS B 289 2.63 5.02 -31.72
N ASP B 290 2.82 6.09 -30.93
CA ASP B 290 4.07 6.87 -30.87
C ASP B 290 5.36 6.10 -30.54
N ALA B 291 5.24 4.99 -29.80
CA ALA B 291 6.41 4.24 -29.36
C ALA B 291 7.11 3.50 -30.49
N LYS B 292 6.49 3.48 -31.68
CA LYS B 292 7.07 2.84 -32.85
C LYS B 292 8.09 3.72 -33.57
N PHE B 293 8.02 5.04 -33.35
CA PHE B 293 8.99 5.97 -33.94
C PHE B 293 10.31 6.03 -33.15
N ILE B 294 10.45 5.15 -32.16
CA ILE B 294 11.74 4.94 -31.52
C ILE B 294 12.53 3.94 -32.37
N ASP B 295 13.71 4.34 -32.80
CA ASP B 295 14.59 3.50 -33.59
C ASP B 295 14.88 2.19 -32.85
N SER B 296 14.47 1.07 -33.44
CA SER B 296 14.62 -0.27 -32.85
C SER B 296 16.06 -0.61 -32.43
N LEU B 297 17.03 -0.26 -33.27
CA LEU B 297 18.45 -0.54 -32.96
C LEU B 297 18.91 0.28 -31.75
N GLN B 298 18.59 1.57 -31.74
CA GLN B 298 18.84 2.40 -30.57
C GLN B 298 18.14 1.81 -29.35
N GLU B 299 16.88 1.39 -29.51
CA GLU B 299 16.07 0.86 -28.41
C GLU B 299 16.70 -0.37 -27.73
N ASN B 300 17.01 -1.41 -28.50
CA ASN B 300 17.53 -2.64 -27.89
C ASN B 300 19.00 -2.52 -27.47
N GLU B 301 19.68 -1.48 -27.95
CA GLU B 301 20.99 -1.10 -27.43
C GLU B 301 20.87 -0.62 -26.00
N PHE B 302 19.82 0.16 -25.71
CA PHE B 302 19.59 0.64 -24.34
C PHE B 302 19.38 -0.53 -23.39
N ARG B 303 18.66 -1.54 -23.84
CA ARG B 303 18.30 -2.65 -22.98
C ARG B 303 19.54 -3.45 -22.53
N LEU B 304 20.42 -3.78 -23.47
CA LEU B 304 21.66 -4.48 -23.17
C LEU B 304 22.56 -3.59 -22.31
N TYR B 305 22.60 -2.30 -22.63
CA TYR B 305 23.43 -1.34 -21.89
C TYR B 305 23.02 -1.31 -20.42
N TYR B 306 21.72 -1.20 -20.17
CA TYR B 306 21.24 -1.15 -18.80
C TYR B 306 21.31 -2.50 -18.08
N TYR B 307 21.21 -3.59 -18.81
CA TYR B 307 21.47 -4.92 -18.25
C TYR B 307 22.89 -5.00 -17.69
N ASN B 308 23.84 -4.46 -18.46
CA ASN B 308 25.22 -4.45 -18.02
C ASN B 308 25.45 -3.48 -16.86
N LYS B 309 24.77 -2.33 -16.88
CA LYS B 309 24.80 -1.43 -15.73
C LYS B 309 24.28 -2.08 -14.43
N PHE B 310 23.21 -2.85 -14.53
CA PHE B 310 22.69 -3.58 -13.35
C PHE B 310 23.71 -4.62 -12.88
N LYS B 311 24.38 -5.30 -13.82
CA LYS B 311 25.45 -6.24 -13.44
C LYS B 311 26.61 -5.52 -12.72
N ASP B 312 26.92 -4.31 -13.17
CA ASP B 312 27.93 -3.48 -12.52
C ASP B 312 27.52 -3.11 -11.08
N ILE B 313 26.23 -2.87 -10.86
CA ILE B 313 25.70 -2.61 -9.51
C ILE B 313 25.79 -3.87 -8.62
N ALA B 314 25.42 -5.03 -9.19
CA ALA B 314 25.61 -6.30 -8.49
C ALA B 314 27.08 -6.50 -8.08
N SER B 315 28.01 -6.25 -9.01
N SER B 315 28.01 -6.25 -9.01
CA SER B 315 29.44 -6.35 -8.74
CA SER B 315 29.44 -6.35 -8.74
C SER B 315 29.89 -5.39 -7.63
C SER B 315 29.90 -5.39 -7.64
N THR B 316 29.41 -4.15 -7.69
CA THR B 316 29.72 -3.14 -6.66
C THR B 316 29.25 -3.58 -5.27
N LEU B 317 28.07 -4.19 -5.20
CA LEU B 317 27.53 -4.73 -3.96
C LEU B 317 28.36 -5.92 -3.44
N ASN B 318 28.88 -6.72 -4.37
CA ASN B 318 29.67 -7.90 -4.00
C ASN B 318 31.01 -7.51 -3.38
N LYS B 319 31.66 -6.48 -3.92
CA LYS B 319 32.95 -6.07 -3.35
C LYS B 319 32.87 -5.01 -2.25
N ALA B 320 31.65 -4.60 -1.91
CA ALA B 320 31.44 -3.70 -0.78
C ALA B 320 31.85 -4.38 0.51
N LYS B 321 32.78 -3.77 1.23
CA LYS B 321 33.23 -4.29 2.51
C LYS B 321 33.05 -3.33 3.70
N SER B 322 32.43 -2.17 3.47
CA SER B 322 32.00 -1.31 4.58
C SER B 322 30.87 -0.38 4.17
N ILE B 323 30.27 0.25 5.17
CA ILE B 323 29.19 1.20 4.96
C ILE B 323 29.45 2.42 5.83
N VAL B 324 29.07 3.58 5.31
CA VAL B 324 29.33 4.87 5.93
C VAL B 324 28.02 5.61 6.21
N GLY B 325 27.93 6.27 7.35
CA GLY B 325 26.86 7.23 7.61
C GLY B 325 25.47 6.69 7.91
N THR B 326 25.40 5.49 8.48
CA THR B 326 24.14 4.94 9.02
C THR B 326 24.48 4.00 10.17
N THR B 327 23.47 3.68 10.98
CA THR B 327 23.59 2.62 11.98
C THR B 327 23.20 1.26 11.39
N ALA B 328 22.61 1.27 10.19
CA ALA B 328 22.29 0.04 9.44
C ALA B 328 23.53 -0.72 9.01
N SER B 329 23.42 -2.06 8.97
CA SER B 329 24.52 -2.91 8.52
C SER B 329 24.76 -2.81 7.01
N LEU B 330 25.97 -3.18 6.60
CA LEU B 330 26.28 -3.33 5.18
C LEU B 330 25.31 -4.35 4.55
N GLN B 331 25.16 -5.49 5.22
CA GLN B 331 24.24 -6.54 4.77
C GLN B 331 22.83 -6.00 4.55
N TYR B 332 22.35 -5.15 5.45
CA TYR B 332 21.01 -4.60 5.34
C TYR B 332 20.80 -3.72 4.09
N MET B 333 21.71 -2.79 3.87
CA MET B 333 21.62 -1.91 2.71
C MET B 333 21.81 -2.70 1.42
N LYS B 334 22.73 -3.65 1.43
CA LYS B 334 22.94 -4.52 0.29
C LYS B 334 21.62 -5.21 -0.10
N ASN B 335 20.88 -5.63 0.92
CA ASN B 335 19.59 -6.26 0.71
C ASN B 335 18.49 -5.35 0.19
N VAL B 336 18.52 -4.08 0.61
CA VAL B 336 17.62 -3.07 0.06
C VAL B 336 17.76 -3.02 -1.47
N PHE B 337 18.98 -3.13 -1.97
CA PHE B 337 19.21 -3.05 -3.42
C PHE B 337 19.02 -4.36 -4.11
N LYS B 338 19.27 -5.46 -3.40
CA LYS B 338 18.87 -6.77 -3.91
C LYS B 338 17.38 -6.73 -4.24
N GLU B 339 16.61 -6.21 -3.30
CA GLU B 339 15.17 -6.06 -3.47
C GLU B 339 14.83 -5.10 -4.60
N LYS B 340 15.48 -3.94 -4.65
CA LYS B 340 15.14 -2.97 -5.69
C LYS B 340 15.37 -3.53 -7.09
N TYR B 341 16.55 -4.12 -7.31
CA TYR B 341 16.97 -4.56 -8.64
C TYR B 341 16.64 -6.02 -8.93
N LEU B 342 15.90 -6.67 -8.02
CA LEU B 342 15.52 -8.08 -8.17
C LEU B 342 16.72 -9.00 -8.36
N LEU B 343 17.77 -8.75 -7.59
CA LEU B 343 18.98 -9.52 -7.73
C LEU B 343 18.83 -10.91 -7.13
N SER B 344 19.53 -11.87 -7.74
CA SER B 344 19.63 -13.22 -7.22
C SER B 344 20.77 -13.27 -6.23
N GLU B 345 20.68 -14.17 -5.27
CA GLU B 345 21.70 -14.32 -4.24
C GLU B 345 22.01 -15.80 -4.06
N ASP B 346 23.27 -16.16 -4.24
CA ASP B 346 23.67 -17.56 -4.11
C ASP B 346 23.94 -17.92 -2.64
N THR B 347 24.27 -19.19 -2.41
CA THR B 347 24.46 -19.71 -1.05
C THR B 347 25.59 -19.02 -0.30
N SER B 348 26.63 -18.62 -1.02
CA SER B 348 27.72 -17.85 -0.45
C SER B 348 27.31 -16.41 -0.09
N GLY B 349 26.29 -15.89 -0.77
CA GLY B 349 25.83 -14.53 -0.53
C GLY B 349 26.18 -13.59 -1.67
N LYS B 350 26.67 -14.16 -2.77
CA LYS B 350 27.03 -13.38 -3.95
C LYS B 350 25.78 -12.98 -4.74
N PHE B 351 25.74 -11.71 -5.13
CA PHE B 351 24.63 -11.16 -5.93
C PHE B 351 24.90 -11.27 -7.43
N SER B 352 23.84 -11.53 -8.20
CA SER B 352 23.91 -11.55 -9.66
C SER B 352 22.58 -11.05 -10.22
N VAL B 353 22.61 -10.59 -11.45
CA VAL B 353 21.41 -10.19 -12.17
C VAL B 353 20.89 -11.44 -12.87
N ASP B 354 19.59 -11.66 -12.75
CA ASP B 354 18.92 -12.77 -13.42
C ASP B 354 18.36 -12.20 -14.72
N LYS B 355 18.72 -12.77 -15.86
CA LYS B 355 18.28 -12.19 -17.14
C LYS B 355 16.74 -12.09 -17.28
N LEU B 356 16.03 -13.07 -16.75
CA LEU B 356 14.56 -13.10 -16.83
C LEU B 356 13.90 -12.03 -15.96
N LYS B 357 14.40 -11.87 -14.75
CA LYS B 357 13.94 -10.82 -13.84
C LYS B 357 14.31 -9.41 -14.34
N PHE B 358 15.50 -9.26 -14.93
CA PHE B 358 15.84 -8.00 -15.60
C PHE B 358 14.82 -7.68 -16.69
N ASP B 359 14.57 -8.67 -17.53
CA ASP B 359 13.67 -8.53 -18.66
C ASP B 359 12.28 -8.14 -18.17
N LYS B 360 11.81 -8.78 -17.10
CA LYS B 360 10.57 -8.43 -16.41
C LYS B 360 10.54 -6.98 -15.93
N LEU B 361 11.54 -6.60 -15.15
CA LEU B 361 11.60 -5.27 -14.58
C LEU B 361 11.71 -4.19 -15.67
N TYR B 362 12.58 -4.43 -16.64
CA TYR B 362 12.81 -3.45 -17.69
C TYR B 362 11.56 -3.26 -18.58
N LYS B 363 10.90 -4.36 -18.97
CA LYS B 363 9.68 -4.26 -19.78
C LYS B 363 8.57 -3.53 -19.00
N MET B 364 8.47 -3.81 -17.71
CA MET B 364 7.48 -3.18 -16.85
C MET B 364 7.67 -1.68 -16.87
N LEU B 365 8.91 -1.23 -16.63
CA LEU B 365 9.20 0.20 -16.53
C LEU B 365 9.08 0.96 -17.85
N THR B 366 9.31 0.28 -18.96
CA THR B 366 9.46 0.94 -20.26
C THR B 366 8.30 0.72 -21.21
N GLU B 367 7.64 -0.44 -21.11
CA GLU B 367 6.60 -0.84 -22.08
C GLU B 367 5.22 -0.94 -21.46
N ILE B 368 5.15 -1.32 -20.19
CA ILE B 368 3.86 -1.54 -19.52
C ILE B 368 3.39 -0.23 -18.92
N TYR B 369 4.27 0.45 -18.18
CA TYR B 369 3.97 1.78 -17.63
C TYR B 369 4.11 2.84 -18.72
N THR B 370 2.98 3.15 -19.40
CA THR B 370 2.91 4.22 -20.39
C THR B 370 1.62 5.01 -20.18
N GLU B 371 1.63 6.24 -20.65
CA GLU B 371 0.46 7.12 -20.59
C GLU B 371 -0.72 6.45 -21.30
N ASP B 372 -0.43 5.84 -22.44
CA ASP B 372 -1.51 5.21 -23.24
C ASP B 372 -2.18 4.05 -22.45
N ASN B 373 -1.38 3.28 -21.72
CA ASN B 373 -1.91 2.18 -20.91
C ASN B 373 -2.71 2.70 -19.71
N PHE B 374 -2.27 3.79 -19.08
CA PHE B 374 -3.10 4.41 -18.05
C PHE B 374 -4.46 4.84 -18.58
N VAL B 375 -4.46 5.42 -19.77
CA VAL B 375 -5.73 5.89 -20.37
C VAL B 375 -6.74 4.75 -20.46
N LYS B 376 -6.25 3.58 -20.85
CA LYS B 376 -7.04 2.35 -20.91
C LYS B 376 -7.61 1.94 -19.58
N PHE B 377 -6.79 2.02 -18.52
CA PHE B 377 -7.21 1.64 -17.19
C PHE B 377 -8.21 2.60 -16.62
N PHE B 378 -8.00 3.91 -16.82
CA PHE B 378 -8.91 4.94 -16.35
C PHE B 378 -10.21 4.99 -17.18
N LYS B 379 -10.17 4.51 -18.41
CA LYS B 379 -11.31 4.56 -19.34
C LYS B 379 -11.72 6.02 -19.61
N VAL B 380 -10.71 6.87 -19.82
CA VAL B 380 -10.92 8.27 -20.14
C VAL B 380 -10.52 8.51 -21.58
N LEU B 381 -10.83 9.70 -22.10
CA LEU B 381 -10.40 10.06 -23.44
C LEU B 381 -9.07 10.81 -23.32
N ASN B 382 -8.18 10.59 -24.27
CA ASN B 382 -6.85 11.24 -24.30
C ASN B 382 -6.44 11.46 -25.75
N ARG B 383 -5.55 12.40 -26.01
CA ARG B 383 -5.00 12.51 -27.35
C ARG B 383 -4.27 11.22 -27.73
N LYS B 384 -4.23 10.93 -29.03
CA LYS B 384 -3.69 9.67 -29.51
C LYS B 384 -2.18 9.70 -29.77
N THR B 385 -1.62 10.90 -29.94
CA THR B 385 -0.16 11.04 -30.12
C THR B 385 0.35 12.20 -29.25
N TYR B 386 1.63 12.11 -28.87
CA TYR B 386 2.22 13.05 -27.91
C TYR B 386 2.04 14.53 -28.32
N LEU B 387 2.27 14.85 -29.57
CA LEU B 387 2.26 16.26 -29.99
C LEU B 387 0.86 16.80 -30.36
N ASN B 388 -0.17 15.95 -30.37
CA ASN B 388 -1.49 16.37 -30.85
C ASN B 388 -2.35 16.94 -29.74
N PHE B 389 -1.89 18.03 -29.15
CA PHE B 389 -2.69 18.77 -28.18
C PHE B 389 -2.95 20.15 -28.76
N ASP B 390 -3.88 20.85 -28.12
CA ASP B 390 -4.32 22.18 -28.51
C ASP B 390 -3.61 23.27 -27.72
N LYS B 391 -3.55 24.46 -28.30
CA LYS B 391 -3.05 25.63 -27.59
C LYS B 391 -4.21 26.18 -26.78
N ALA B 392 -4.56 25.44 -25.73
CA ALA B 392 -5.67 25.81 -24.84
C ALA B 392 -5.31 25.38 -23.43
N VAL B 393 -5.39 26.32 -22.50
CA VAL B 393 -5.12 26.07 -21.09
C VAL B 393 -6.41 26.40 -20.35
N PHE B 394 -6.76 25.52 -19.41
CA PHE B 394 -7.94 25.67 -18.59
C PHE B 394 -7.59 25.67 -17.11
N LYS B 395 -8.26 26.55 -16.37
CA LYS B 395 -8.31 26.44 -14.92
C LYS B 395 -9.38 25.40 -14.54
N ILE B 396 -9.01 24.52 -13.62
CA ILE B 396 -9.92 23.48 -13.08
C ILE B 396 -9.92 23.47 -11.55
N ASN B 397 -10.89 22.78 -10.96
CA ASN B 397 -10.84 22.45 -9.53
C ASN B 397 -11.36 21.03 -9.33
N ILE B 398 -10.44 20.11 -9.12
CA ILE B 398 -10.81 18.69 -9.02
C ILE B 398 -11.09 18.26 -7.59
N VAL B 399 -10.90 19.16 -6.63
CA VAL B 399 -11.07 18.79 -5.24
C VAL B 399 -12.51 18.47 -4.85
N PRO B 400 -13.50 19.32 -5.24
CA PRO B 400 -14.87 18.94 -4.96
C PRO B 400 -15.34 17.66 -5.66
N LYS B 401 -15.91 16.77 -4.88
CA LYS B 401 -16.51 15.53 -5.36
C LYS B 401 -17.56 15.74 -6.48
N VAL B 402 -18.24 16.88 -6.46
CA VAL B 402 -19.24 17.20 -7.51
C VAL B 402 -18.60 17.57 -8.85
N ASN B 403 -17.29 17.84 -8.86
CA ASN B 403 -16.54 18.20 -10.07
C ASN B 403 -15.75 17.01 -10.65
N TYR B 404 -15.20 16.20 -9.75
CA TYR B 404 -14.24 15.17 -10.17
C TYR B 404 -14.17 14.10 -9.09
N THR B 405 -14.07 12.84 -9.49
CA THR B 405 -13.99 11.77 -8.49
C THR B 405 -12.80 10.85 -8.73
N ILE B 406 -12.41 10.15 -7.67
CA ILE B 406 -11.31 9.20 -7.69
C ILE B 406 -11.58 8.11 -8.74
N TYR B 407 -12.82 7.64 -8.82
CA TYR B 407 -13.13 6.56 -9.72
C TYR B 407 -13.49 6.96 -11.14
N ASP B 408 -14.11 8.13 -11.34
CA ASP B 408 -14.60 8.50 -12.65
C ASP B 408 -13.94 9.74 -13.25
N GLY B 409 -13.06 10.41 -12.51
CA GLY B 409 -12.51 11.66 -13.00
C GLY B 409 -13.65 12.64 -13.19
N PHE B 410 -13.66 13.33 -14.33
CA PHE B 410 -14.70 14.30 -14.70
C PHE B 410 -16.04 13.65 -15.15
N ASN B 411 -15.97 12.38 -15.56
CA ASN B 411 -17.07 11.67 -16.24
C ASN B 411 -17.94 10.94 -15.22
N LEU B 412 -18.54 11.74 -14.36
CA LEU B 412 -19.25 11.27 -13.16
C LEU B 412 -20.34 10.25 -13.48
N ARG B 413 -20.31 9.08 -12.83
CA ARG B 413 -21.34 8.08 -13.03
C ARG B 413 -22.72 8.58 -12.64
N ASN B 414 -23.74 8.08 -13.32
CA ASN B 414 -25.12 8.47 -13.09
C ASN B 414 -25.34 10.00 -13.10
N THR B 415 -24.67 10.67 -14.04
CA THR B 415 -24.99 12.04 -14.43
C THR B 415 -24.96 12.04 -15.94
N ASN B 416 -25.39 13.15 -16.53
CA ASN B 416 -25.26 13.36 -17.99
C ASN B 416 -23.78 13.41 -18.46
N LEU B 417 -22.85 13.52 -17.52
CA LEU B 417 -21.44 13.55 -17.84
C LEU B 417 -20.80 12.16 -17.96
N ALA B 418 -21.57 11.11 -17.63
CA ALA B 418 -21.06 9.75 -17.60
C ALA B 418 -20.78 9.18 -18.98
N ALA B 419 -21.59 9.59 -19.97
CA ALA B 419 -21.52 9.06 -21.32
C ALA B 419 -20.68 9.94 -22.28
N ASN B 420 -20.10 9.30 -23.29
CA ASN B 420 -19.42 9.97 -24.40
C ASN B 420 -18.31 10.92 -23.92
N PHE B 421 -17.71 10.60 -22.78
CA PHE B 421 -16.68 11.43 -22.19
C PHE B 421 -17.12 12.87 -22.03
N ASN B 422 -18.41 13.07 -21.74
CA ASN B 422 -18.97 14.42 -21.65
C ASN B 422 -18.29 15.24 -20.54
N GLY B 423 -17.85 14.58 -19.49
CA GLY B 423 -17.19 15.26 -18.38
C GLY B 423 -15.90 15.93 -18.82
N GLN B 424 -15.22 15.34 -19.81
CA GLN B 424 -13.98 15.91 -20.38
C GLN B 424 -14.21 16.91 -21.51
N ASN B 425 -15.44 17.02 -21.99
CA ASN B 425 -15.78 17.89 -23.11
C ASN B 425 -15.85 19.31 -22.59
N THR B 426 -14.94 20.16 -23.09
CA THR B 426 -14.80 21.51 -22.56
C THR B 426 -15.93 22.43 -23.00
N GLU B 427 -16.70 22.06 -24.02
CA GLU B 427 -17.92 22.80 -24.36
C GLU B 427 -19.10 22.32 -23.48
N ILE B 428 -19.27 20.99 -23.42
CA ILE B 428 -20.43 20.39 -22.74
C ILE B 428 -20.31 20.57 -21.22
N ASN B 429 -19.14 20.26 -20.65
CA ASN B 429 -18.87 20.50 -19.24
C ASN B 429 -18.14 21.81 -19.01
N ASN B 430 -18.61 22.89 -19.64
CA ASN B 430 -17.90 24.17 -19.60
C ASN B 430 -17.72 24.77 -18.20
N MET B 431 -18.62 24.44 -17.25
CA MET B 431 -18.54 24.90 -15.87
C MET B 431 -17.28 24.41 -15.14
N ASN B 432 -16.70 23.32 -15.64
CA ASN B 432 -15.50 22.77 -15.03
C ASN B 432 -14.17 23.18 -15.66
N PHE B 433 -14.25 23.91 -16.77
CA PHE B 433 -13.09 24.34 -17.58
C PHE B 433 -13.18 25.83 -17.95
N THR B 434 -12.41 26.65 -17.25
CA THR B 434 -12.29 28.08 -17.58
C THR B 434 -11.11 28.28 -18.50
N LYS B 435 -11.37 28.61 -19.75
CA LYS B 435 -10.32 28.81 -20.74
C LYS B 435 -9.54 30.07 -20.40
N LEU B 436 -8.21 29.96 -20.36
CA LEU B 436 -7.34 31.06 -19.97
C LEU B 436 -6.65 31.63 -21.20
N LYS B 437 -6.38 32.93 -21.17
CA LYS B 437 -5.84 33.63 -22.34
C LYS B 437 -4.90 34.73 -21.89
#